data_5KLP
#
_entry.id   5KLP
#
_cell.length_a   71.153
_cell.length_b   99.777
_cell.length_c   71.915
_cell.angle_alpha   90.00
_cell.angle_beta   103.44
_cell.angle_gamma   90.00
#
_symmetry.space_group_name_H-M   'P 1 21 1'
#
loop_
_entity.id
_entity.type
_entity.pdbx_description
1 polymer Orf34
2 non-polymer 'INOSITOL HEXAKISPHOSPHATE'
3 non-polymer 'CITRIC ACID'
4 water water
#
_entity_poly.entity_id   1
_entity_poly.type   'polypeptide(L)'
_entity_poly.pdbx_seq_one_letter_code
;SRNTPDRRQRAAGDAERTQS(MSE)RLQQKINDLKPYVRHARGPIKAYGQAALDRASGAATSVSFAELDATHLDA(MSE)
VYIENQRNPGLNLKHFRDHYYLIQALQSDGPSAFRAIFPQTCPETGQTLKHHV(MSE)ADVRLHQGGAPTIIITEPAVIV
GARYQQLQRHNLTLEDLSESGVPLSQVAIIETQAAATSDDCV(MSE)YSLNYAIKAHKNAAQFDDIHHGLQHGTLSTESE
SRARTTLGALEASSSYSV(MSE)HEGAHAAFGADVLPVDFYKHGASLTQAYYL(MSE)KRPDGR(MSE)AGRVNSEGHSE
AENLVQRNQAFRVKRRELLDDETPSNTQFSASIDGFRLQEIKRVLAAAQR
;
_entity_poly.pdbx_strand_id   A,B,C
#
loop_
_chem_comp.id
_chem_comp.type
_chem_comp.name
_chem_comp.formula
CIT non-polymer 'CITRIC ACID' 'C6 H8 O7'
IHP non-polymer 'INOSITOL HEXAKISPHOSPHATE' 'C6 H18 O24 P6'
#
# COMPACT_ATOMS: atom_id res chain seq x y z
N THR A 18 -34.73 -10.95 13.40
CA THR A 18 -34.09 -10.95 14.71
C THR A 18 -33.33 -9.66 14.86
N GLN A 19 -33.93 -8.58 14.34
CA GLN A 19 -33.32 -7.25 14.28
C GLN A 19 -32.15 -7.22 13.28
N SER A 20 -31.68 -8.41 12.93
CA SER A 20 -30.58 -8.62 12.01
C SER A 20 -31.06 -9.57 10.90
N MSE A 21 -31.16 -9.07 9.68
CA MSE A 21 -31.70 -9.90 8.60
C MSE A 21 -30.84 -11.14 8.33
O MSE A 21 -31.38 -12.22 8.06
CB MSE A 21 -31.86 -9.08 7.31
CG MSE A 21 -32.61 -9.77 6.20
SE MSE A 21 -34.49 -10.21 6.63
CE MSE A 21 -34.41 -12.15 6.45
N ARG A 22 -29.52 -10.99 8.40
CA ARG A 22 -28.63 -12.15 8.20
C ARG A 22 -28.88 -13.24 9.23
N LEU A 23 -29.10 -12.82 10.47
CA LEU A 23 -29.37 -13.76 11.55
C LEU A 23 -30.75 -14.40 11.39
N GLN A 24 -31.73 -13.58 11.00
CA GLN A 24 -33.10 -14.05 10.80
C GLN A 24 -33.15 -15.12 9.71
N GLN A 25 -32.31 -14.96 8.69
CA GLN A 25 -32.28 -15.94 7.60
C GLN A 25 -31.75 -17.27 8.15
N LYS A 26 -30.77 -17.20 9.04
CA LYS A 26 -30.25 -18.41 9.64
C LYS A 26 -31.29 -19.03 10.57
N ILE A 27 -32.07 -18.19 11.25
CA ILE A 27 -33.19 -18.66 12.06
C ILE A 27 -34.22 -19.38 11.18
N ASN A 28 -34.63 -18.72 10.09
CA ASN A 28 -35.62 -19.30 9.19
C ASN A 28 -35.17 -20.60 8.52
N ASP A 29 -33.87 -20.69 8.22
CA ASP A 29 -33.32 -21.91 7.63
C ASP A 29 -33.35 -23.07 8.62
N LEU A 30 -33.13 -22.79 9.90
CA LEU A 30 -33.04 -23.86 10.87
C LEU A 30 -34.42 -24.33 11.34
N LYS A 31 -35.35 -23.39 11.45
CA LYS A 31 -36.65 -23.65 12.05
C LYS A 31 -37.38 -24.93 11.58
N PRO A 32 -37.51 -25.16 10.27
CA PRO A 32 -38.22 -26.39 9.87
C PRO A 32 -37.53 -27.66 10.34
N TYR A 33 -36.19 -27.66 10.36
CA TYR A 33 -35.47 -28.83 10.84
C TYR A 33 -35.78 -29.10 12.30
N VAL A 34 -35.84 -28.03 13.09
CA VAL A 34 -36.13 -28.15 14.51
C VAL A 34 -37.57 -28.66 14.68
N ARG A 35 -38.47 -28.21 13.81
CA ARG A 35 -39.85 -28.65 13.88
C ARG A 35 -39.96 -30.15 13.61
N HIS A 36 -39.14 -30.67 12.71
CA HIS A 36 -39.22 -32.09 12.38
C HIS A 36 -38.36 -32.95 13.30
N ALA A 37 -37.50 -32.30 14.09
CA ALA A 37 -36.61 -33.04 14.99
C ALA A 37 -37.34 -33.54 16.23
N ARG A 38 -36.72 -34.48 16.95
CA ARG A 38 -37.24 -35.00 18.19
C ARG A 38 -36.14 -35.16 19.24
N GLY A 39 -36.52 -35.13 20.50
CA GLY A 39 -35.60 -35.40 21.58
C GLY A 39 -34.66 -34.25 21.91
N PRO A 40 -33.55 -34.54 22.61
CA PRO A 40 -32.58 -33.55 23.09
C PRO A 40 -32.10 -32.58 22.02
N ILE A 41 -31.86 -33.07 20.81
CA ILE A 41 -31.36 -32.18 19.76
C ILE A 41 -32.43 -31.16 19.36
N LYS A 42 -33.71 -31.53 19.44
CA LYS A 42 -34.78 -30.59 19.15
C LYS A 42 -34.79 -29.47 20.19
N ALA A 43 -34.65 -29.85 21.46
CA ALA A 43 -34.61 -28.88 22.55
C ALA A 43 -33.42 -27.95 22.38
N TYR A 44 -32.28 -28.53 22.02
CA TYR A 44 -31.08 -27.76 21.77
C TYR A 44 -31.31 -26.75 20.66
N GLY A 45 -31.92 -27.21 19.57
CA GLY A 45 -32.26 -26.33 18.46
C GLY A 45 -33.17 -25.20 18.87
N GLN A 46 -34.18 -25.49 19.69
CA GLN A 46 -35.14 -24.46 20.07
C GLN A 46 -34.49 -23.43 20.96
N ALA A 47 -33.63 -23.89 21.88
CA ALA A 47 -32.89 -22.98 22.77
C ALA A 47 -32.00 -22.05 21.96
N ALA A 48 -31.31 -22.61 20.97
CA ALA A 48 -30.42 -21.83 20.11
C ALA A 48 -31.21 -20.82 19.29
N LEU A 49 -32.40 -21.24 18.84
CA LEU A 49 -33.29 -20.36 18.08
C LEU A 49 -33.75 -19.21 18.96
N ASP A 50 -34.19 -19.54 20.17
CA ASP A 50 -34.61 -18.54 21.14
C ASP A 50 -33.48 -17.55 21.42
N ARG A 51 -32.27 -18.05 21.58
CA ARG A 51 -31.12 -17.18 21.85
C ARG A 51 -30.85 -16.21 20.71
N ALA A 52 -30.87 -16.73 19.48
CA ALA A 52 -30.62 -15.88 18.32
C ALA A 52 -31.78 -14.88 18.16
N SER A 53 -32.95 -15.24 18.65
CA SER A 53 -34.14 -14.39 18.53
C SER A 53 -34.20 -13.31 19.61
N GLY A 54 -33.37 -13.47 20.64
CA GLY A 54 -33.39 -12.57 21.77
C GLY A 54 -34.29 -13.05 22.91
N ALA A 55 -34.07 -14.29 23.34
CA ALA A 55 -34.81 -14.85 24.46
C ALA A 55 -33.85 -15.30 25.56
N VAL A 59 -30.22 -22.63 28.93
CA VAL A 59 -29.98 -21.32 29.53
C VAL A 59 -28.49 -20.98 29.47
N SER A 60 -27.66 -21.83 30.06
CA SER A 60 -26.20 -21.66 29.93
C SER A 60 -25.76 -22.46 28.72
N PHE A 61 -25.26 -21.77 27.70
CA PHE A 61 -24.92 -22.48 26.48
C PHE A 61 -23.62 -23.23 26.53
N ALA A 62 -22.71 -22.84 27.42
CA ALA A 62 -21.48 -23.62 27.55
C ALA A 62 -21.81 -25.07 27.84
N GLU A 63 -22.75 -25.33 28.75
CA GLU A 63 -23.10 -26.72 29.07
C GLU A 63 -23.91 -27.35 27.94
N LEU A 64 -24.89 -26.63 27.38
CA LEU A 64 -25.68 -27.14 26.28
C LEU A 64 -24.85 -27.42 25.02
N ASP A 65 -24.01 -26.48 24.63
CA ASP A 65 -23.15 -26.69 23.48
C ASP A 65 -22.29 -27.94 23.69
N ALA A 66 -21.72 -28.04 24.91
CA ALA A 66 -20.79 -29.13 25.23
C ALA A 66 -21.49 -30.48 25.16
N THR A 67 -22.74 -30.52 25.61
CA THR A 67 -23.55 -31.73 25.57
C THR A 67 -23.78 -32.25 24.16
N HIS A 68 -23.92 -31.33 23.21
CA HIS A 68 -24.25 -31.76 21.86
C HIS A 68 -23.05 -31.66 20.93
N LEU A 69 -21.87 -31.37 21.50
CA LEU A 69 -20.68 -31.17 20.67
C LEU A 69 -20.27 -32.42 19.89
N ASP A 70 -20.35 -33.58 20.52
CA ASP A 70 -19.98 -34.82 19.84
C ASP A 70 -20.75 -34.98 18.51
N ALA A 71 -22.03 -34.60 18.51
CA ALA A 71 -22.84 -34.75 17.31
C ALA A 71 -22.36 -33.81 16.21
N MSE A 72 -22.02 -32.59 16.58
CA MSE A 72 -21.55 -31.63 15.59
C MSE A 72 -20.15 -31.99 15.12
O MSE A 72 -19.83 -31.84 13.94
CB MSE A 72 -21.59 -30.21 16.17
CG MSE A 72 -22.99 -29.72 16.44
SE MSE A 72 -22.98 -28.00 17.37
CE MSE A 72 -22.73 -28.64 19.20
N VAL A 73 -19.31 -32.49 16.02
CA VAL A 73 -17.96 -32.91 15.61
C VAL A 73 -18.04 -34.06 14.61
N TYR A 74 -18.89 -35.03 14.91
CA TYR A 74 -19.10 -36.19 14.06
C TYR A 74 -19.54 -35.77 12.65
N ILE A 75 -20.46 -34.81 12.57
CA ILE A 75 -20.96 -34.31 11.28
C ILE A 75 -19.87 -33.55 10.51
N GLU A 76 -19.14 -32.70 11.22
CA GLU A 76 -18.14 -31.87 10.55
C GLU A 76 -16.97 -32.70 10.05
N ASN A 77 -16.62 -33.77 10.78
CA ASN A 77 -15.58 -34.66 10.32
C ASN A 77 -15.94 -35.33 9.00
N GLN A 78 -17.23 -35.56 8.81
CA GLN A 78 -17.74 -36.13 7.58
C GLN A 78 -17.82 -35.10 6.47
N ARG A 79 -18.28 -33.90 6.77
CA ARG A 79 -18.39 -32.84 5.76
C ARG A 79 -17.02 -32.50 5.20
N ASN A 80 -16.00 -32.54 6.06
CA ASN A 80 -14.64 -32.14 5.69
C ASN A 80 -13.64 -33.20 6.09
N PRO A 81 -13.52 -34.29 5.33
CA PRO A 81 -12.57 -35.35 5.69
C PRO A 81 -11.17 -34.77 5.86
N GLY A 82 -10.47 -35.20 6.89
CA GLY A 82 -9.16 -34.63 7.21
C GLY A 82 -9.25 -33.62 8.34
N LEU A 83 -10.46 -33.16 8.66
CA LEU A 83 -10.66 -32.27 9.80
C LEU A 83 -10.12 -32.94 11.07
N ASN A 84 -10.40 -34.24 11.21
CA ASN A 84 -9.86 -35.04 12.32
C ASN A 84 -10.08 -34.38 13.67
N LEU A 85 -11.31 -33.96 13.90
CA LEU A 85 -11.63 -33.25 15.12
C LEU A 85 -12.14 -34.20 16.20
N LYS A 86 -11.65 -34.02 17.42
CA LYS A 86 -12.09 -34.82 18.56
C LYS A 86 -12.53 -33.95 19.70
N HIS A 87 -13.56 -34.38 20.40
CA HIS A 87 -13.99 -33.74 21.62
C HIS A 87 -13.41 -34.53 22.79
N PHE A 88 -12.55 -33.92 23.60
CA PHE A 88 -12.04 -34.61 24.78
C PHE A 88 -12.69 -34.00 26.01
N ARG A 89 -13.03 -34.83 26.99
CA ARG A 89 -13.73 -34.33 28.18
C ARG A 89 -12.79 -33.67 29.16
N ASP A 90 -11.49 -33.83 28.92
CA ASP A 90 -10.45 -33.24 29.77
C ASP A 90 -9.16 -33.24 28.96
N HIS A 91 -8.23 -32.30 29.22
CA HIS A 91 -6.98 -32.29 28.45
C HIS A 91 -6.13 -33.53 28.71
N TYR A 92 -6.41 -34.22 29.81
CA TYR A 92 -5.81 -35.52 30.09
C TYR A 92 -5.91 -36.47 28.89
N TYR A 93 -7.07 -36.46 28.23
CA TYR A 93 -7.29 -37.37 27.10
C TYR A 93 -6.64 -36.87 25.82
N LEU A 94 -6.35 -35.57 25.76
CA LEU A 94 -5.51 -35.04 24.69
C LEU A 94 -4.13 -35.66 24.82
N ILE A 95 -3.61 -35.68 26.03
CA ILE A 95 -2.28 -36.24 26.26
C ILE A 95 -2.23 -37.71 25.87
N GLN A 96 -3.24 -38.45 26.27
CA GLN A 96 -3.38 -39.84 25.90
C GLN A 96 -3.40 -40.00 24.37
N ALA A 97 -4.06 -39.08 23.68
CA ALA A 97 -4.13 -39.17 22.23
C ALA A 97 -2.75 -38.93 21.60
N LEU A 98 -1.90 -38.17 22.28
CA LEU A 98 -0.53 -37.97 21.81
C LEU A 98 0.29 -39.25 21.93
N GLN A 99 -0.19 -40.19 22.75
CA GLN A 99 0.52 -41.43 22.97
C GLN A 99 -0.14 -42.58 22.22
N SER A 100 -0.84 -42.26 21.13
CA SER A 100 -1.52 -43.31 20.35
C SER A 100 -1.27 -43.25 18.85
N ASP A 101 -1.74 -44.29 18.17
CA ASP A 101 -1.47 -44.51 16.75
C ASP A 101 -2.35 -43.70 15.77
N GLY A 102 -2.97 -42.63 16.24
CA GLY A 102 -3.80 -41.80 15.38
C GLY A 102 -3.08 -40.98 14.31
N PRO A 103 -3.81 -40.03 13.68
CA PRO A 103 -3.33 -39.25 12.54
C PRO A 103 -2.23 -38.27 12.92
N SER A 104 -1.40 -37.91 11.95
CA SER A 104 -0.32 -36.97 12.17
C SER A 104 -0.83 -35.55 12.41
N ALA A 105 -2.00 -35.24 11.86
CA ALA A 105 -2.62 -33.94 12.07
C ALA A 105 -4.04 -34.12 12.65
N PHE A 106 -4.32 -33.52 13.80
CA PHE A 106 -5.68 -33.55 14.30
C PHE A 106 -6.01 -32.32 15.14
N ARG A 107 -7.29 -32.14 15.43
CA ARG A 107 -7.74 -31.01 16.22
C ARG A 107 -8.50 -31.54 17.42
N ALA A 108 -8.47 -30.80 18.52
CA ALA A 108 -9.11 -31.23 19.75
C ALA A 108 -9.82 -30.06 20.42
N ILE A 109 -11.03 -30.30 20.94
CA ILE A 109 -11.74 -29.34 21.75
C ILE A 109 -11.91 -29.93 23.15
N PHE A 110 -11.59 -29.15 24.17
CA PHE A 110 -11.70 -29.67 25.53
C PHE A 110 -11.95 -28.52 26.48
N PRO A 111 -12.62 -28.82 27.59
CA PRO A 111 -12.86 -27.78 28.61
C PRO A 111 -11.61 -27.61 29.47
N GLN A 112 -11.56 -26.54 30.27
CA GLN A 112 -10.49 -26.37 31.23
C GLN A 112 -10.78 -27.15 32.50
N THR A 113 -9.74 -27.47 33.26
CA THR A 113 -9.91 -28.20 34.51
C THR A 113 -9.39 -27.40 35.71
N CYS A 114 -10.14 -27.43 36.81
CA CYS A 114 -9.69 -26.85 38.06
C CYS A 114 -8.67 -27.79 38.73
N PRO A 115 -7.45 -27.29 38.95
CA PRO A 115 -6.33 -28.06 39.52
C PRO A 115 -6.63 -28.63 40.91
N GLU A 116 -7.40 -27.90 41.70
CA GLU A 116 -7.67 -28.31 43.08
C GLU A 116 -8.73 -29.39 43.19
N THR A 117 -9.63 -29.49 42.21
CA THR A 117 -10.75 -30.43 42.29
C THR A 117 -10.82 -31.47 41.17
N GLY A 118 -10.13 -31.22 40.07
CA GLY A 118 -10.27 -32.08 38.91
C GLY A 118 -11.58 -31.83 38.17
N GLN A 119 -12.35 -30.85 38.63
CA GLN A 119 -13.61 -30.56 37.94
C GLN A 119 -13.37 -29.83 36.62
N THR A 120 -14.05 -30.24 35.56
CA THR A 120 -13.96 -29.50 34.29
C THR A 120 -14.94 -28.33 34.35
N LEU A 121 -14.52 -27.20 33.79
CA LEU A 121 -15.23 -25.96 34.02
C LEU A 121 -15.58 -25.23 32.74
N LYS A 122 -15.84 -25.98 31.67
CA LYS A 122 -16.14 -25.37 30.38
C LYS A 122 -14.96 -24.48 29.95
N HIS A 123 -15.23 -23.22 29.59
CA HIS A 123 -14.16 -22.33 29.09
C HIS A 123 -13.28 -23.00 28.02
N HIS A 124 -13.94 -23.66 27.07
CA HIS A 124 -13.26 -24.48 26.08
C HIS A 124 -12.23 -23.77 25.21
N VAL A 125 -11.24 -24.51 24.77
CA VAL A 125 -10.31 -24.04 23.76
C VAL A 125 -10.17 -25.10 22.70
N MSE A 126 -9.49 -24.76 21.62
CA MSE A 126 -9.23 -25.67 20.52
C MSE A 126 -7.73 -25.88 20.40
O MSE A 126 -6.98 -24.91 20.39
CB MSE A 126 -9.79 -25.10 19.20
CG MSE A 126 -9.84 -26.10 18.06
SE MSE A 126 -8.17 -26.27 17.08
CE MSE A 126 -8.01 -24.41 16.43
N ALA A 127 -7.31 -27.14 20.31
CA ALA A 127 -5.90 -27.41 20.06
C ALA A 127 -5.72 -28.04 18.68
N ASP A 128 -4.81 -27.46 17.91
CA ASP A 128 -4.42 -27.94 16.60
C ASP A 128 -3.06 -28.63 16.72
N VAL A 129 -2.98 -29.91 16.36
CA VAL A 129 -1.82 -30.73 16.70
C VAL A 129 -1.14 -31.31 15.46
N ARG A 130 0.19 -31.41 15.51
CA ARG A 130 0.95 -32.22 14.57
C ARG A 130 1.84 -33.22 15.30
N LEU A 131 1.77 -34.48 14.88
CA LEU A 131 2.72 -35.49 15.32
C LEU A 131 3.91 -35.45 14.38
N HIS A 132 5.09 -35.76 14.89
CA HIS A 132 6.31 -35.64 14.09
C HIS A 132 7.18 -36.89 14.19
N GLN A 133 7.90 -37.18 13.12
CA GLN A 133 8.82 -38.33 13.07
C GLN A 133 9.96 -38.15 14.08
N GLY A 134 10.03 -39.03 15.09
CA GLY A 134 9.06 -40.10 15.29
C GLY A 134 8.26 -39.95 16.57
N ALA A 136 7.79 -36.14 19.44
CA ALA A 136 7.86 -34.71 19.78
C ALA A 136 6.82 -33.87 19.03
N PRO A 137 5.55 -33.92 19.45
CA PRO A 137 4.50 -33.18 18.74
C PRO A 137 4.62 -31.67 18.91
N THR A 138 3.95 -30.92 18.03
CA THR A 138 3.82 -29.49 18.20
C THR A 138 2.34 -29.21 18.37
N ILE A 139 2.02 -28.20 19.19
CA ILE A 139 0.65 -27.96 19.61
C ILE A 139 0.35 -26.47 19.64
N ILE A 140 -0.70 -26.08 18.92
CA ILE A 140 -1.19 -24.72 18.92
C ILE A 140 -2.53 -24.69 19.63
N ILE A 141 -2.61 -24.03 20.76
CA ILE A 141 -3.88 -23.89 21.46
C ILE A 141 -4.46 -22.51 21.17
N THR A 142 -5.63 -22.49 20.56
CA THR A 142 -6.28 -21.20 20.28
C THR A 142 -7.27 -20.91 21.40
N GLU A 143 -7.00 -19.82 22.10
CA GLU A 143 -7.83 -19.31 23.18
C GLU A 143 -8.73 -18.21 22.62
N PRO A 144 -10.03 -18.49 22.46
CA PRO A 144 -10.95 -17.50 21.89
C PRO A 144 -11.22 -16.30 22.79
N ALA A 145 -11.00 -16.46 24.08
CA ALA A 145 -11.21 -15.32 25.00
C ALA A 145 -9.85 -14.77 25.44
N VAL A 146 -9.50 -14.94 26.71
CA VAL A 146 -8.22 -14.42 27.20
C VAL A 146 -7.45 -15.50 27.96
N ILE A 147 -6.13 -15.42 27.92
CA ILE A 147 -5.30 -16.40 28.59
C ILE A 147 -5.40 -16.27 30.11
N VAL A 148 -5.38 -15.04 30.60
CA VAL A 148 -5.22 -14.84 32.04
C VAL A 148 -6.53 -14.90 32.81
N GLY A 149 -7.50 -14.08 32.43
CA GLY A 149 -8.80 -14.08 33.08
C GLY A 149 -8.89 -13.08 34.21
N ALA A 150 -10.07 -12.49 34.37
CA ALA A 150 -10.27 -11.39 35.31
C ALA A 150 -9.92 -11.76 36.75
N ARG A 151 -10.01 -13.04 37.08
CA ARG A 151 -9.62 -13.49 38.42
C ARG A 151 -8.43 -14.48 38.34
N TYR A 152 -7.66 -14.37 37.25
CA TYR A 152 -6.47 -15.21 36.99
C TYR A 152 -6.79 -16.71 36.95
N GLN A 153 -8.06 -17.06 36.78
CA GLN A 153 -8.45 -18.47 36.76
C GLN A 153 -8.05 -19.16 35.46
N GLN A 154 -8.30 -18.53 34.31
CA GLN A 154 -7.93 -19.16 33.04
C GLN A 154 -6.42 -19.44 33.00
N LEU A 155 -5.63 -18.52 33.55
CA LEU A 155 -4.18 -18.69 33.57
C LEU A 155 -3.79 -19.95 34.32
N GLN A 156 -4.41 -20.15 35.50
CA GLN A 156 -4.12 -21.34 36.31
C GLN A 156 -4.52 -22.63 35.56
N ARG A 157 -5.63 -22.56 34.83
CA ARG A 157 -6.12 -23.70 34.06
C ARG A 157 -5.20 -24.01 32.87
N HIS A 158 -4.73 -22.98 32.17
CA HIS A 158 -3.76 -23.17 31.08
C HIS A 158 -2.43 -23.73 31.60
N ASN A 159 -1.98 -23.24 32.74
CA ASN A 159 -0.76 -23.76 33.37
C ASN A 159 -0.90 -25.24 33.72
N LEU A 160 -2.09 -25.66 34.16
CA LEU A 160 -2.30 -27.08 34.44
C LEU A 160 -2.08 -27.91 33.16
N THR A 161 -2.67 -27.46 32.05
CA THR A 161 -2.49 -28.14 30.76
C THR A 161 -1.02 -28.21 30.38
N LEU A 162 -0.32 -27.09 30.49
CA LEU A 162 1.10 -27.04 30.16
C LEU A 162 1.90 -27.98 31.07
N GLU A 163 1.56 -27.96 32.34
CA GLU A 163 2.28 -28.79 33.31
C GLU A 163 2.13 -30.27 32.94
N ASP A 164 0.90 -30.66 32.64
CA ASP A 164 0.62 -32.05 32.30
C ASP A 164 1.29 -32.43 30.98
N LEU A 165 1.24 -31.55 29.99
CA LEU A 165 1.93 -31.79 28.72
C LEU A 165 3.41 -32.05 28.95
N SER A 166 4.02 -31.18 29.75
CA SER A 166 5.46 -31.26 30.04
C SER A 166 5.82 -32.57 30.75
N GLU A 167 5.07 -32.89 31.79
CA GLU A 167 5.30 -34.11 32.56
C GLU A 167 5.12 -35.36 31.70
N SER A 168 4.32 -35.26 30.64
CA SER A 168 4.13 -36.40 29.74
C SER A 168 5.25 -36.50 28.69
N GLY A 169 6.15 -35.52 28.68
CA GLY A 169 7.29 -35.53 27.77
C GLY A 169 7.19 -34.59 26.57
N VAL A 170 6.21 -33.70 26.56
CA VAL A 170 6.14 -32.70 25.50
C VAL A 170 6.93 -31.45 25.90
N PRO A 171 7.99 -31.11 25.14
CA PRO A 171 8.70 -29.87 25.45
C PRO A 171 7.79 -28.66 25.21
N LEU A 172 7.67 -27.80 26.21
CA LEU A 172 6.75 -26.67 26.12
C LEU A 172 7.23 -25.66 25.07
N SER A 173 8.49 -25.79 24.64
CA SER A 173 8.99 -24.90 23.60
C SER A 173 8.34 -25.24 22.25
N GLN A 174 7.60 -26.35 22.22
CA GLN A 174 6.89 -26.73 21.01
C GLN A 174 5.39 -26.49 21.17
N VAL A 175 5.03 -25.71 22.19
CA VAL A 175 3.63 -25.39 22.46
C VAL A 175 3.38 -23.90 22.43
N ALA A 176 2.29 -23.50 21.78
CA ALA A 176 1.88 -22.10 21.73
C ALA A 176 0.42 -21.92 22.15
N ILE A 177 0.18 -20.86 22.91
CA ILE A 177 -1.20 -20.50 23.21
C ILE A 177 -1.47 -19.16 22.52
N ILE A 178 -2.40 -19.19 21.58
CA ILE A 178 -2.74 -18.01 20.82
C ILE A 178 -4.04 -17.41 21.33
N GLU A 179 -3.94 -16.20 21.85
CA GLU A 179 -5.08 -15.53 22.45
C GLU A 179 -5.76 -14.64 21.42
N THR A 180 -7.01 -14.93 21.06
CA THR A 180 -7.62 -14.10 20.01
C THR A 180 -8.47 -12.94 20.56
N GLN A 181 -9.05 -13.12 21.74
CA GLN A 181 -10.01 -12.14 22.33
C GLN A 181 -11.23 -11.92 21.45
N ALA A 182 -11.58 -12.90 20.63
CA ALA A 182 -12.76 -12.74 19.79
C ALA A 182 -14.05 -12.86 20.63
N ALA A 183 -14.03 -13.72 21.64
CA ALA A 183 -15.22 -13.97 22.47
C ALA A 183 -15.33 -12.91 23.56
N ALA A 184 -16.51 -12.32 23.69
CA ALA A 184 -16.75 -11.29 24.70
C ALA A 184 -17.06 -11.90 26.06
N THR A 185 -17.57 -13.12 26.04
CA THR A 185 -17.83 -13.87 27.27
C THR A 185 -17.33 -15.29 27.11
N SER A 186 -17.49 -16.11 28.15
CA SER A 186 -17.09 -17.50 28.01
C SER A 186 -18.30 -18.39 27.75
N ASP A 187 -19.46 -17.80 27.57
CA ASP A 187 -20.69 -18.59 27.36
C ASP A 187 -20.76 -19.31 26.01
N ASP A 188 -20.02 -18.79 25.03
CA ASP A 188 -20.06 -19.35 23.68
C ASP A 188 -18.77 -20.06 23.27
N CYS A 189 -17.92 -20.37 24.24
CA CYS A 189 -16.57 -20.82 23.92
C CYS A 189 -16.55 -22.15 23.18
N VAL A 190 -17.56 -22.98 23.38
CA VAL A 190 -17.63 -24.21 22.62
C VAL A 190 -17.84 -23.90 21.14
N MSE A 191 -18.70 -22.93 20.82
CA MSE A 191 -18.96 -22.56 19.43
C MSE A 191 -17.72 -21.91 18.80
O MSE A 191 -17.40 -22.20 17.65
CB MSE A 191 -20.17 -21.63 19.33
CG MSE A 191 -21.51 -22.35 19.51
SE MSE A 191 -21.71 -23.86 18.23
CE MSE A 191 -21.47 -25.35 19.50
N TYR A 192 -17.02 -21.05 19.54
CA TYR A 192 -15.78 -20.47 19.00
C TYR A 192 -14.76 -21.57 18.74
N SER A 193 -14.65 -22.49 19.68
CA SER A 193 -13.66 -23.56 19.56
C SER A 193 -13.98 -24.47 18.37
N LEU A 194 -15.26 -24.79 18.19
CA LEU A 194 -15.69 -25.61 17.04
C LEU A 194 -15.41 -24.86 15.75
N ASN A 195 -15.80 -23.59 15.70
CA ASN A 195 -15.54 -22.80 14.51
C ASN A 195 -14.06 -22.71 14.23
N TYR A 196 -13.27 -22.55 15.28
CA TYR A 196 -11.84 -22.43 15.15
C TYR A 196 -11.18 -23.70 14.61
N ALA A 197 -11.71 -24.85 15.01
CA ALA A 197 -11.21 -26.13 14.49
C ALA A 197 -11.42 -26.19 12.98
N ILE A 198 -12.61 -25.84 12.54
CA ILE A 198 -12.91 -25.81 11.10
C ILE A 198 -12.00 -24.82 10.37
N LYS A 199 -11.79 -23.64 10.95
CA LYS A 199 -10.92 -22.64 10.31
C LYS A 199 -9.47 -23.09 10.27
N ALA A 200 -9.05 -23.82 11.29
CA ALA A 200 -7.69 -24.33 11.36
C ALA A 200 -7.45 -25.34 10.25
N HIS A 201 -8.49 -26.13 9.99
CA HIS A 201 -8.47 -27.09 8.89
C HIS A 201 -8.44 -26.36 7.55
N LYS A 202 -9.32 -25.36 7.39
CA LYS A 202 -9.36 -24.63 6.13
C LYS A 202 -8.04 -23.91 5.85
N ASN A 203 -7.36 -23.52 6.91
CA ASN A 203 -6.08 -22.81 6.78
C ASN A 203 -4.92 -23.70 7.20
N ALA A 204 -5.02 -24.99 6.88
CA ALA A 204 -4.05 -25.97 7.36
C ALA A 204 -2.62 -25.63 6.94
N ALA A 205 -2.46 -25.00 5.77
CA ALA A 205 -1.13 -24.67 5.26
C ALA A 205 -0.47 -23.64 6.18
N GLN A 206 -1.23 -22.64 6.59
CA GLN A 206 -0.69 -21.62 7.47
C GLN A 206 -0.41 -22.21 8.85
N PHE A 207 -1.26 -23.12 9.29
CA PHE A 207 -1.00 -23.77 10.58
C PHE A 207 0.24 -24.67 10.47
N ASP A 208 0.39 -25.35 9.33
CA ASP A 208 1.56 -26.20 9.07
C ASP A 208 2.84 -25.41 9.26
N ASP A 209 2.84 -24.18 8.79
CA ASP A 209 4.02 -23.34 8.88
C ASP A 209 4.30 -22.97 10.33
N ILE A 210 3.25 -22.70 11.12
CA ILE A 210 3.45 -22.39 12.52
C ILE A 210 3.99 -23.61 13.25
N HIS A 211 3.46 -24.79 12.92
CA HIS A 211 3.96 -26.03 13.50
C HIS A 211 5.44 -26.25 13.16
N HIS A 212 5.82 -26.01 11.90
CA HIS A 212 7.23 -26.13 11.50
C HIS A 212 8.13 -25.26 12.38
N GLY A 213 7.70 -24.02 12.65
CA GLY A 213 8.46 -23.16 13.51
C GLY A 213 8.57 -23.75 14.91
N LEU A 214 7.45 -24.27 15.41
CA LEU A 214 7.39 -24.85 16.75
C LEU A 214 8.30 -26.07 16.89
N GLN A 215 8.53 -26.80 15.80
CA GLN A 215 9.51 -27.86 15.83
C GLN A 215 10.90 -27.33 16.18
N HIS A 216 11.12 -26.04 15.91
CA HIS A 216 12.40 -25.42 16.23
C HIS A 216 12.28 -24.50 17.42
N GLY A 217 11.22 -24.65 18.20
CA GLY A 217 11.08 -23.89 19.43
C GLY A 217 10.80 -22.43 19.22
N THR A 218 10.18 -22.08 18.09
CA THR A 218 9.93 -20.67 17.82
C THR A 218 8.51 -20.40 17.30
N LEU A 219 8.00 -19.23 17.63
CA LEU A 219 6.70 -18.74 17.17
C LEU A 219 6.84 -17.35 16.55
N SER A 220 6.43 -17.24 15.29
CA SER A 220 6.60 -15.97 14.59
C SER A 220 5.84 -14.84 15.31
N THR A 221 6.47 -13.66 15.30
CA THR A 221 5.96 -12.40 15.87
C THR A 221 5.95 -12.36 17.40
N GLU A 222 6.35 -13.46 18.04
CA GLU A 222 6.16 -13.57 19.48
C GLU A 222 6.85 -12.44 20.24
N SER A 223 8.02 -12.03 19.76
CA SER A 223 8.79 -10.97 20.42
C SER A 223 8.00 -9.66 20.60
N GLU A 224 7.05 -9.37 19.72
CA GLU A 224 6.15 -8.21 19.91
C GLU A 224 4.72 -8.61 20.29
N SER A 225 4.27 -9.75 19.79
CA SER A 225 2.85 -10.11 19.90
C SER A 225 2.46 -10.55 21.31
N ARG A 226 3.37 -11.25 22.00
CA ARG A 226 3.08 -11.77 23.33
C ARG A 226 2.73 -10.63 24.30
N ALA A 227 3.43 -9.50 24.16
CA ALA A 227 3.21 -8.34 25.01
C ALA A 227 1.81 -7.72 24.81
N ARG A 228 1.17 -8.03 23.68
CA ARG A 228 -0.15 -7.50 23.36
C ARG A 228 -1.29 -8.33 23.97
N THR A 229 -0.94 -9.46 24.56
CA THR A 229 -1.92 -10.36 25.16
C THR A 229 -2.07 -10.07 26.64
N THR A 230 -3.14 -10.59 27.24
CA THR A 230 -3.34 -10.43 28.67
C THR A 230 -2.20 -11.07 29.44
N LEU A 231 -1.64 -12.14 28.90
CA LEU A 231 -0.47 -12.78 29.50
C LEU A 231 0.72 -11.82 29.47
N GLY A 232 0.93 -11.20 28.32
CA GLY A 232 2.03 -10.26 28.15
C GLY A 232 1.93 -9.09 29.10
N ALA A 233 0.71 -8.57 29.28
CA ALA A 233 0.47 -7.47 30.20
C ALA A 233 0.86 -7.89 31.61
N LEU A 234 0.45 -9.08 32.00
CA LEU A 234 0.73 -9.56 33.36
C LEU A 234 2.23 -9.77 33.56
N GLU A 235 2.88 -10.32 32.55
CA GLU A 235 4.32 -10.52 32.61
C GLU A 235 5.08 -9.19 32.74
N ALA A 236 4.65 -8.19 31.98
CA ALA A 236 5.34 -6.89 32.01
C ALA A 236 5.08 -6.18 33.34
N SER A 237 3.84 -6.27 33.82
CA SER A 237 3.47 -5.64 35.08
C SER A 237 4.19 -6.26 36.28
N SER A 238 4.32 -7.57 36.31
CA SER A 238 4.82 -8.23 37.51
C SER A 238 6.30 -8.59 37.49
N SER A 239 6.88 -8.62 36.29
CA SER A 239 8.27 -9.06 36.11
C SER A 239 8.50 -10.46 36.65
N TYR A 240 7.42 -11.23 36.77
CA TYR A 240 7.48 -12.63 37.18
C TYR A 240 7.18 -13.56 36.01
N SER A 241 7.74 -14.76 36.06
CA SER A 241 7.28 -15.80 35.16
C SER A 241 5.93 -16.33 35.67
N VAL A 242 4.85 -16.13 34.92
CA VAL A 242 3.53 -16.52 35.42
C VAL A 242 2.94 -17.67 34.61
N MSE A 243 3.56 -17.98 33.47
CA MSE A 243 3.21 -19.16 32.68
C MSE A 243 4.43 -20.06 32.59
O MSE A 243 5.55 -19.57 32.50
CB MSE A 243 2.72 -18.76 31.29
CG MSE A 243 2.46 -19.95 30.39
SE MSE A 243 1.61 -19.49 28.68
CE MSE A 243 3.18 -19.02 27.63
N HIS A 244 4.23 -21.38 32.61
CA HIS A 244 5.35 -22.31 32.67
C HIS A 244 6.34 -22.01 31.56
N GLU A 245 7.62 -22.09 31.90
CA GLU A 245 8.66 -21.61 31.00
C GLU A 245 8.71 -22.43 29.73
N GLY A 246 9.01 -21.77 28.61
CA GLY A 246 9.09 -22.44 27.33
C GLY A 246 7.89 -22.27 26.41
N ALA A 247 6.68 -22.27 26.97
CA ALA A 247 5.48 -22.15 26.16
C ALA A 247 5.41 -20.79 25.49
N HIS A 248 4.94 -20.77 24.24
CA HIS A 248 4.80 -19.53 23.51
C HIS A 248 3.40 -18.96 23.60
N ALA A 249 3.29 -17.67 23.34
CA ALA A 249 2.00 -17.02 23.28
C ALA A 249 2.04 -15.83 22.32
N ALA A 250 0.92 -15.58 21.67
CA ALA A 250 0.80 -14.43 20.78
C ALA A 250 -0.66 -14.03 20.65
N PHE A 251 -0.87 -12.82 20.15
CA PHE A 251 -2.21 -12.33 19.90
C PHE A 251 -2.68 -12.82 18.55
N GLY A 252 -3.95 -13.23 18.50
CA GLY A 252 -4.52 -13.87 17.33
C GLY A 252 -4.30 -13.14 16.00
N ALA A 253 -4.59 -11.85 15.97
CA ALA A 253 -4.49 -11.07 14.72
C ALA A 253 -3.07 -11.04 14.15
N ASP A 254 -2.07 -11.23 15.01
CA ASP A 254 -0.68 -11.19 14.56
C ASP A 254 -0.25 -12.44 13.80
N VAL A 255 -0.87 -13.58 14.11
CA VAL A 255 -0.38 -14.86 13.56
C VAL A 255 -1.44 -15.73 12.89
N LEU A 256 -2.71 -15.36 13.01
CA LEU A 256 -3.81 -16.13 12.43
C LEU A 256 -4.51 -15.32 11.35
N PRO A 257 -5.17 -16.00 10.39
CA PRO A 257 -5.93 -15.30 9.35
C PRO A 257 -7.19 -14.64 9.88
N VAL A 258 -7.76 -13.72 9.10
CA VAL A 258 -8.93 -12.95 9.51
C VAL A 258 -10.14 -13.85 9.83
N ASP A 259 -10.11 -15.07 9.27
CA ASP A 259 -11.12 -16.10 9.56
C ASP A 259 -11.47 -16.16 11.03
N PHE A 260 -10.45 -16.01 11.87
CA PHE A 260 -10.62 -16.23 13.30
C PHE A 260 -11.29 -15.05 14.01
N TYR A 261 -11.64 -14.02 13.26
CA TYR A 261 -12.29 -12.85 13.86
C TYR A 261 -13.68 -12.60 13.31
N LYS A 262 -14.13 -13.45 12.40
CA LYS A 262 -15.45 -13.29 11.79
C LYS A 262 -16.62 -13.30 12.79
N HIS A 263 -16.47 -14.04 13.89
CA HIS A 263 -17.54 -14.12 14.90
C HIS A 263 -17.27 -13.29 16.14
N GLY A 264 -16.31 -12.39 16.03
CA GLY A 264 -15.96 -11.48 17.10
C GLY A 264 -17.19 -10.68 17.52
N ALA A 265 -17.41 -10.59 18.81
CA ALA A 265 -18.59 -9.89 19.31
C ALA A 265 -18.44 -8.38 19.14
N SER A 266 -17.23 -7.86 19.31
CA SER A 266 -17.04 -6.42 19.42
C SER A 266 -16.93 -5.68 18.08
N LEU A 267 -17.84 -4.73 17.89
CA LEU A 267 -17.77 -3.84 16.73
C LEU A 267 -16.47 -3.01 16.75
N THR A 268 -16.08 -2.51 17.92
CA THR A 268 -14.91 -1.63 17.95
C THR A 268 -13.63 -2.43 17.71
N GLN A 269 -13.56 -3.66 18.22
CA GLN A 269 -12.42 -4.53 17.93
C GLN A 269 -12.22 -4.65 16.42
N ALA A 270 -13.30 -4.97 15.72
CA ALA A 270 -13.30 -5.10 14.27
C ALA A 270 -12.75 -3.84 13.63
N TYR A 271 -13.20 -2.68 14.11
CA TYR A 271 -12.73 -1.41 13.60
C TYR A 271 -11.21 -1.28 13.75
N TYR A 272 -10.68 -1.53 14.94
CA TYR A 272 -9.25 -1.39 15.18
C TYR A 272 -8.40 -2.45 14.45
N LEU A 273 -8.93 -3.66 14.32
CA LEU A 273 -8.21 -4.69 13.59
C LEU A 273 -8.00 -4.29 12.14
N MSE A 274 -9.04 -3.70 11.53
CA MSE A 274 -8.94 -3.24 10.13
C MSE A 274 -8.01 -2.06 9.95
O MSE A 274 -7.64 -1.72 8.82
CB MSE A 274 -10.33 -2.86 9.60
CG MSE A 274 -11.23 -4.05 9.38
SE MSE A 274 -12.73 -3.53 8.22
CE MSE A 274 -11.73 -3.30 6.54
N LYS A 275 -7.63 -1.42 11.05
CA LYS A 275 -6.75 -0.25 11.00
C LYS A 275 -5.29 -0.66 11.04
N ARG A 276 -5.04 -1.93 11.32
CA ARG A 276 -3.67 -2.43 11.41
C ARG A 276 -2.94 -2.23 10.08
N PRO A 277 -1.74 -1.66 10.15
CA PRO A 277 -0.88 -1.32 9.01
C PRO A 277 -0.63 -2.48 8.06
N ASP A 278 -0.51 -3.70 8.59
CA ASP A 278 -0.20 -4.84 7.73
C ASP A 278 -1.40 -5.23 6.85
N GLY A 279 -2.55 -4.63 7.11
CA GLY A 279 -3.76 -4.86 6.33
C GLY A 279 -4.31 -6.27 6.38
N ARG A 280 -3.75 -7.11 7.24
CA ARG A 280 -4.12 -8.53 7.21
C ARG A 280 -5.55 -8.79 7.68
N MSE A 281 -6.11 -7.89 8.47
CA MSE A 281 -7.47 -8.06 8.97
C MSE A 281 -8.48 -7.27 8.15
O MSE A 281 -9.66 -7.22 8.50
CB MSE A 281 -7.56 -7.64 10.43
CG MSE A 281 -6.65 -8.40 11.39
SE MSE A 281 -7.19 -10.28 11.57
CE MSE A 281 -5.64 -11.09 10.68
N ALA A 282 -8.03 -6.66 7.06
CA ALA A 282 -8.83 -5.63 6.39
C ALA A 282 -9.43 -6.07 5.05
N GLY A 283 -9.20 -7.33 4.67
CA GLY A 283 -9.70 -7.80 3.39
C GLY A 283 -11.09 -8.40 3.45
N ARG A 284 -11.46 -9.07 2.37
CA ARG A 284 -12.75 -9.75 2.26
C ARG A 284 -12.84 -10.94 3.22
N VAL A 285 -13.97 -11.09 3.91
CA VAL A 285 -14.11 -12.22 4.82
C VAL A 285 -15.17 -13.22 4.39
N ASN A 286 -15.96 -12.90 3.37
CA ASN A 286 -16.90 -13.87 2.83
C ASN A 286 -16.38 -14.49 1.54
N SER A 287 -16.92 -15.65 1.15
CA SER A 287 -16.38 -16.33 -0.02
C SER A 287 -16.68 -15.54 -1.30
N GLU A 288 -15.88 -15.78 -2.33
CA GLU A 288 -15.95 -14.99 -3.56
C GLU A 288 -17.22 -15.24 -4.36
N GLY A 289 -17.88 -16.36 -4.07
CA GLY A 289 -19.13 -16.71 -4.74
C GLY A 289 -20.19 -15.65 -4.54
N HIS A 290 -20.10 -14.93 -3.42
CA HIS A 290 -21.03 -13.85 -3.12
C HIS A 290 -20.80 -12.70 -4.08
N SER A 291 -21.88 -12.05 -4.51
CA SER A 291 -21.75 -10.90 -5.40
C SER A 291 -20.98 -9.75 -4.74
N GLU A 292 -21.51 -9.22 -3.62
CA GLU A 292 -20.86 -8.10 -2.94
C GLU A 292 -19.94 -8.61 -1.82
N ALA A 293 -18.69 -8.13 -1.86
CA ALA A 293 -17.72 -8.45 -0.82
C ALA A 293 -18.11 -7.87 0.52
N GLU A 294 -17.59 -8.49 1.57
CA GLU A 294 -17.91 -8.10 2.93
C GLU A 294 -16.63 -8.14 3.75
N ASN A 295 -16.32 -7.05 4.44
CA ASN A 295 -15.17 -7.04 5.32
C ASN A 295 -15.61 -7.24 6.77
N LEU A 296 -14.64 -7.30 7.67
CA LEU A 296 -14.89 -7.59 9.08
C LEU A 296 -15.89 -6.62 9.73
N VAL A 297 -15.73 -5.33 9.49
CA VAL A 297 -16.66 -4.37 10.09
C VAL A 297 -18.08 -4.53 9.50
N GLN A 298 -18.18 -4.74 8.20
CA GLN A 298 -19.48 -4.88 7.57
C GLN A 298 -20.18 -6.13 8.08
N ARG A 299 -19.41 -7.20 8.27
CA ARG A 299 -19.98 -8.43 8.79
C ARG A 299 -20.52 -8.21 10.20
N ASN A 300 -19.70 -7.58 11.05
CA ASN A 300 -20.08 -7.30 12.42
C ASN A 300 -21.38 -6.52 12.48
N GLN A 301 -21.49 -5.49 11.64
CA GLN A 301 -22.72 -4.69 11.59
C GLN A 301 -23.92 -5.48 11.06
N ALA A 302 -23.69 -6.41 10.14
CA ALA A 302 -24.79 -7.19 9.59
C ALA A 302 -25.41 -8.08 10.67
N PHE A 303 -24.61 -8.46 11.66
CA PHE A 303 -25.06 -9.32 12.73
C PHE A 303 -25.28 -8.57 14.04
N ARG A 304 -25.32 -7.25 13.98
CA ARG A 304 -25.51 -6.43 15.19
C ARG A 304 -26.90 -6.59 15.78
N VAL A 305 -26.97 -6.79 17.09
CA VAL A 305 -28.24 -6.88 17.82
C VAL A 305 -28.19 -6.14 19.15
N LYS A 306 -29.36 -5.89 19.73
CA LYS A 306 -29.47 -5.21 21.03
C LYS A 306 -30.19 -6.08 22.05
N THR A 319 -24.10 -1.83 24.84
CA THR A 319 -25.24 -2.75 24.81
C THR A 319 -25.40 -3.45 23.46
N GLN A 320 -24.76 -2.90 22.43
CA GLN A 320 -24.77 -3.52 21.09
C GLN A 320 -23.59 -4.47 20.88
N PHE A 321 -23.85 -5.57 20.19
CA PHE A 321 -22.80 -6.55 19.88
C PHE A 321 -23.19 -7.38 18.67
N SER A 322 -22.21 -8.04 18.06
CA SER A 322 -22.48 -8.94 16.95
C SER A 322 -22.92 -10.32 17.47
N ALA A 323 -24.07 -10.79 17.02
CA ALA A 323 -24.54 -12.13 17.39
C ALA A 323 -24.14 -13.15 16.33
N SER A 324 -23.10 -12.85 15.58
CA SER A 324 -22.60 -13.78 14.56
C SER A 324 -22.35 -15.21 15.06
N ILE A 325 -21.79 -15.36 16.25
CA ILE A 325 -21.45 -16.69 16.78
C ILE A 325 -22.73 -17.48 17.05
N ASP A 326 -23.80 -16.78 17.38
CA ASP A 326 -25.10 -17.42 17.60
C ASP A 326 -25.67 -17.91 16.27
N GLY A 327 -25.31 -17.20 15.21
CA GLY A 327 -25.64 -17.63 13.86
C GLY A 327 -24.87 -18.89 13.48
N PHE A 328 -23.60 -18.95 13.86
CA PHE A 328 -22.80 -20.14 13.62
C PHE A 328 -23.43 -21.36 14.30
N ARG A 329 -23.94 -21.18 15.52
CA ARG A 329 -24.57 -22.30 16.24
C ARG A 329 -25.78 -22.83 15.47
N LEU A 330 -26.61 -21.92 14.95
CA LEU A 330 -27.77 -22.30 14.14
C LEU A 330 -27.31 -23.10 12.91
N GLN A 331 -26.23 -22.65 12.29
CA GLN A 331 -25.66 -23.33 11.14
C GLN A 331 -25.23 -24.76 11.46
N GLU A 332 -24.60 -24.94 12.63
CA GLU A 332 -24.11 -26.25 13.02
C GLU A 332 -25.26 -27.23 13.34
N ILE A 333 -26.28 -26.73 14.03
CA ILE A 333 -27.43 -27.56 14.37
C ILE A 333 -28.14 -27.98 13.10
N LYS A 334 -28.30 -27.04 12.19
CA LYS A 334 -28.85 -27.32 10.87
C LYS A 334 -28.05 -28.43 10.15
N ARG A 335 -26.73 -28.32 10.17
CA ARG A 335 -25.91 -29.36 9.55
C ARG A 335 -26.16 -30.73 10.19
N VAL A 336 -26.29 -30.76 11.51
CA VAL A 336 -26.56 -32.02 12.19
C VAL A 336 -27.94 -32.57 11.81
N LEU A 337 -28.96 -31.72 11.87
CA LEU A 337 -30.32 -32.17 11.61
C LEU A 337 -30.51 -32.55 10.15
N ALA A 338 -29.75 -31.89 9.28
CA ALA A 338 -29.83 -32.17 7.84
C ALA A 338 -29.40 -33.62 7.57
N ALA A 339 -28.37 -34.08 8.26
CA ALA A 339 -27.98 -35.48 8.14
C ALA A 339 -29.08 -36.41 8.67
N ALA A 340 -29.71 -36.00 9.78
CA ALA A 340 -30.72 -36.85 10.40
C ALA A 340 -32.02 -36.87 9.59
N GLN A 341 -32.22 -35.84 8.76
CA GLN A 341 -33.48 -35.69 8.04
C GLN A 341 -33.34 -35.80 6.52
N ARG A 342 -32.19 -36.27 6.05
CA ARG A 342 -32.01 -36.61 4.64
C ARG A 342 -30.75 -37.43 4.45
N GLN B 19 8.06 5.42 -25.65
CA GLN B 19 8.97 5.45 -24.50
C GLN B 19 8.08 5.61 -23.25
N SER B 20 8.67 5.91 -22.09
CA SER B 20 7.94 5.92 -20.84
C SER B 20 7.92 7.30 -20.19
N MSE B 21 6.72 7.80 -19.93
CA MSE B 21 6.52 9.13 -19.35
C MSE B 21 7.19 9.22 -17.98
O MSE B 21 7.82 10.22 -17.66
CB MSE B 21 5.03 9.44 -19.26
CG MSE B 21 4.69 10.75 -18.54
SE MSE B 21 4.55 10.59 -16.58
CE MSE B 21 3.05 9.37 -16.48
N ARG B 22 7.02 8.18 -17.17
CA ARG B 22 7.58 8.12 -15.82
C ARG B 22 9.10 8.19 -15.90
N LEU B 23 9.67 7.47 -16.87
CA LEU B 23 11.10 7.42 -17.02
C LEU B 23 11.60 8.77 -17.55
N GLN B 24 10.83 9.34 -18.48
CA GLN B 24 11.18 10.65 -19.01
C GLN B 24 11.21 11.71 -17.90
N GLN B 25 10.31 11.61 -16.93
CA GLN B 25 10.31 12.59 -15.84
C GLN B 25 11.54 12.45 -14.96
N LYS B 26 12.00 11.22 -14.76
CA LYS B 26 13.22 11.01 -13.99
C LYS B 26 14.42 11.56 -14.76
N ILE B 27 14.39 11.44 -16.08
CA ILE B 27 15.42 12.04 -16.91
C ILE B 27 15.40 13.55 -16.75
N ASN B 28 14.22 14.16 -16.91
CA ASN B 28 14.09 15.61 -16.81
C ASN B 28 14.54 16.14 -15.44
N ASP B 29 14.25 15.38 -14.39
CA ASP B 29 14.65 15.76 -13.04
C ASP B 29 16.16 15.74 -12.85
N LEU B 30 16.83 14.77 -13.46
CA LEU B 30 18.26 14.58 -13.22
C LEU B 30 19.16 15.50 -14.08
N LYS B 31 18.76 15.77 -15.32
CA LYS B 31 19.59 16.53 -16.26
C LYS B 31 20.19 17.84 -15.72
N PRO B 32 19.39 18.70 -15.05
CA PRO B 32 20.01 19.94 -14.57
C PRO B 32 21.12 19.69 -13.55
N TYR B 33 20.97 18.67 -12.71
CA TYR B 33 22.02 18.33 -11.75
C TYR B 33 23.29 17.82 -12.44
N VAL B 34 23.10 17.00 -13.47
CA VAL B 34 24.22 16.46 -14.23
C VAL B 34 24.98 17.60 -14.93
N ARG B 35 24.25 18.61 -15.41
CA ARG B 35 24.89 19.75 -16.08
C ARG B 35 25.84 20.51 -15.15
N HIS B 36 25.50 20.56 -13.86
CA HIS B 36 26.30 21.27 -12.87
C HIS B 36 27.37 20.37 -12.25
N ALA B 37 27.27 19.07 -12.46
CA ALA B 37 28.26 18.15 -11.92
C ALA B 37 29.55 18.20 -12.73
N ARG B 38 30.62 17.66 -12.15
CA ARG B 38 31.91 17.58 -12.81
C ARG B 38 32.57 16.23 -12.53
N GLY B 39 33.46 15.78 -13.42
CA GLY B 39 34.25 14.58 -13.17
C GLY B 39 33.49 13.27 -13.34
N PRO B 40 34.01 12.18 -12.73
CA PRO B 40 33.44 10.83 -12.82
C PRO B 40 31.95 10.77 -12.52
N ILE B 41 31.47 11.51 -11.52
CA ILE B 41 30.05 11.44 -11.19
C ILE B 41 29.19 12.02 -12.33
N LYS B 42 29.71 13.03 -13.03
CA LYS B 42 29.01 13.62 -14.15
C LYS B 42 28.90 12.61 -15.29
N ALA B 43 30.01 11.92 -15.55
CA ALA B 43 30.06 10.91 -16.59
C ALA B 43 29.08 9.79 -16.27
N TYR B 44 29.05 9.40 -15.00
CA TYR B 44 28.13 8.36 -14.54
C TYR B 44 26.68 8.81 -14.77
N GLY B 45 26.36 10.04 -14.37
CA GLY B 45 25.05 10.60 -14.59
C GLY B 45 24.66 10.64 -16.07
N GLN B 46 25.60 11.02 -16.93
CA GLN B 46 25.29 11.10 -18.35
C GLN B 46 25.09 9.69 -18.90
N ALA B 47 25.92 8.75 -18.44
CA ALA B 47 25.79 7.37 -18.88
C ALA B 47 24.42 6.82 -18.47
N ALA B 48 24.02 7.10 -17.24
CA ALA B 48 22.74 6.61 -16.73
C ALA B 48 21.58 7.24 -17.49
N LEU B 49 21.72 8.50 -17.86
CA LEU B 49 20.72 9.20 -18.67
C LEU B 49 20.64 8.53 -20.05
N ASP B 50 21.79 8.29 -20.66
CA ASP B 50 21.84 7.63 -21.97
C ASP B 50 21.15 6.27 -21.94
N ARG B 51 21.40 5.51 -20.88
CA ARG B 51 20.77 4.19 -20.73
C ARG B 51 19.24 4.31 -20.61
N ALA B 52 18.78 5.26 -19.80
CA ALA B 52 17.34 5.43 -19.64
C ALA B 52 16.69 5.90 -20.94
N SER B 53 17.46 6.62 -21.75
CA SER B 53 16.97 7.16 -23.02
C SER B 53 17.07 6.14 -24.13
N GLY B 54 17.80 5.06 -23.88
CA GLY B 54 18.09 4.07 -24.90
C GLY B 54 19.41 4.37 -25.57
N ALA B 55 20.47 3.68 -25.17
CA ALA B 55 21.79 3.84 -25.79
C ALA B 55 22.72 2.69 -25.42
N VAL B 59 29.43 0.76 -22.10
CA VAL B 59 30.01 0.40 -20.81
C VAL B 59 29.13 -0.61 -20.04
N SER B 60 29.74 -1.29 -19.09
CA SER B 60 29.05 -2.22 -18.18
C SER B 60 28.57 -1.50 -16.94
N PHE B 61 27.27 -1.51 -16.69
CA PHE B 61 26.78 -0.76 -15.54
C PHE B 61 27.08 -1.43 -14.22
N ALA B 62 27.30 -2.74 -14.23
CA ALA B 62 27.74 -3.41 -13.01
C ALA B 62 29.02 -2.73 -12.54
N GLU B 63 29.93 -2.46 -13.47
CA GLU B 63 31.19 -1.79 -13.11
C GLU B 63 30.99 -0.33 -12.73
N LEU B 64 30.22 0.39 -13.53
CA LEU B 64 29.94 1.82 -13.25
C LEU B 64 29.21 1.99 -11.93
N ASP B 65 28.15 1.20 -11.73
CA ASP B 65 27.39 1.25 -10.47
C ASP B 65 28.30 0.96 -9.26
N ALA B 66 29.13 -0.07 -9.36
CA ALA B 66 29.98 -0.46 -8.23
C ALA B 66 30.97 0.65 -7.92
N THR B 67 31.49 1.28 -8.96
CA THR B 67 32.43 2.38 -8.79
C THR B 67 31.80 3.55 -8.04
N HIS B 68 30.51 3.80 -8.27
CA HIS B 68 29.89 4.97 -7.65
C HIS B 68 28.96 4.63 -6.49
N LEU B 69 28.95 3.36 -6.08
CA LEU B 69 28.01 2.92 -5.04
C LEU B 69 28.24 3.64 -3.70
N ASP B 70 29.51 3.85 -3.33
CA ASP B 70 29.82 4.51 -2.04
C ASP B 70 29.10 5.85 -1.89
N ALA B 71 29.02 6.61 -2.99
CA ALA B 71 28.36 7.91 -2.93
C ALA B 71 26.85 7.75 -2.67
N MSE B 72 26.24 6.77 -3.31
CA MSE B 72 24.82 6.53 -3.10
C MSE B 72 24.56 5.92 -1.73
O MSE B 72 23.52 6.20 -1.11
CB MSE B 72 24.26 5.65 -4.20
CG MSE B 72 24.36 6.34 -5.54
SE MSE B 72 23.86 5.21 -7.05
CE MSE B 72 25.52 4.17 -7.22
N VAL B 73 25.50 5.13 -1.24
CA VAL B 73 25.37 4.55 0.11
C VAL B 73 25.42 5.66 1.14
N TYR B 74 26.35 6.59 0.97
CA TYR B 74 26.46 7.73 1.85
C TYR B 74 25.14 8.51 1.96
N ILE B 75 24.52 8.80 0.83
CA ILE B 75 23.29 9.59 0.87
C ILE B 75 22.10 8.81 1.48
N GLU B 76 22.00 7.53 1.16
CA GLU B 76 20.85 6.77 1.63
C GLU B 76 20.95 6.56 3.13
N ASN B 77 22.18 6.43 3.63
CA ASN B 77 22.37 6.35 5.08
C ASN B 77 21.95 7.65 5.78
N GLN B 78 22.09 8.79 5.10
CA GLN B 78 21.61 10.08 5.64
C GLN B 78 20.10 10.20 5.55
N ARG B 79 19.55 9.79 4.41
CA ARG B 79 18.12 9.85 4.18
C ARG B 79 17.35 8.96 5.16
N ASN B 80 17.94 7.82 5.51
CA ASN B 80 17.27 6.81 6.33
C ASN B 80 18.10 6.38 7.53
N PRO B 81 18.13 7.19 8.59
CA PRO B 81 18.93 6.80 9.75
C PRO B 81 18.57 5.39 10.26
N GLY B 82 19.58 4.56 10.48
CA GLY B 82 19.35 3.17 10.84
C GLY B 82 19.52 2.21 9.67
N LEU B 83 19.56 2.73 8.45
CA LEU B 83 19.79 1.89 7.29
C LEU B 83 21.11 1.13 7.47
N ASN B 84 22.13 1.83 7.96
CA ASN B 84 23.43 1.22 8.28
C ASN B 84 23.97 0.36 7.15
N LEU B 85 23.94 0.92 5.95
CA LEU B 85 24.32 0.17 4.77
C LEU B 85 25.81 0.33 4.52
N LYS B 86 26.44 -0.78 4.16
CA LYS B 86 27.88 -0.81 3.91
C LYS B 86 28.14 -1.42 2.53
N HIS B 87 29.11 -0.86 1.81
CA HIS B 87 29.57 -1.47 0.58
C HIS B 87 30.84 -2.25 0.87
N PHE B 88 30.82 -3.57 0.66
CA PHE B 88 32.02 -4.37 0.85
C PHE B 88 32.56 -4.81 -0.49
N ARG B 89 33.88 -4.80 -0.64
CA ARG B 89 34.51 -5.14 -1.92
C ARG B 89 34.60 -6.64 -2.13
N ASP B 90 34.34 -7.39 -1.07
CA ASP B 90 34.35 -8.86 -1.14
C ASP B 90 33.60 -9.37 0.09
N HIS B 91 32.97 -10.54 0.02
CA HIS B 91 32.25 -11.03 1.21
C HIS B 91 33.23 -11.34 2.35
N TYR B 92 34.51 -11.47 2.04
CA TYR B 92 35.55 -11.57 3.08
C TYR B 92 35.37 -10.43 4.10
N TYR B 93 35.06 -9.23 3.61
CA TYR B 93 34.94 -8.07 4.48
C TYR B 93 33.59 -8.02 5.21
N LEU B 94 32.58 -8.68 4.66
CA LEU B 94 31.33 -8.85 5.40
C LEU B 94 31.60 -9.69 6.62
N ILE B 95 32.36 -10.76 6.42
CA ILE B 95 32.66 -11.67 7.52
C ILE B 95 33.45 -10.97 8.61
N GLN B 96 34.42 -10.17 8.20
CA GLN B 96 35.19 -9.36 9.14
C GLN B 96 34.26 -8.42 9.92
N ALA B 97 33.25 -7.88 9.24
CA ALA B 97 32.30 -6.98 9.88
C ALA B 97 31.42 -7.71 10.89
N LEU B 98 31.21 -9.01 10.71
CA LEU B 98 30.46 -9.78 11.70
C LEU B 98 31.22 -9.91 13.01
N GLN B 99 32.53 -9.67 12.95
CA GLN B 99 33.42 -9.83 14.09
C GLN B 99 33.66 -8.44 14.71
N SER B 100 32.58 -7.67 14.75
CA SER B 100 32.57 -6.30 15.26
C SER B 100 31.52 -6.13 16.34
N ASP B 101 31.51 -4.97 16.99
CA ASP B 101 30.61 -4.74 18.12
C ASP B 101 29.21 -4.47 17.57
N GLY B 102 28.92 -3.22 17.26
CA GLY B 102 27.66 -2.85 16.65
C GLY B 102 27.90 -2.57 15.18
N PRO B 103 26.87 -2.02 14.49
CA PRO B 103 25.49 -1.94 14.99
C PRO B 103 24.88 -3.33 15.03
N SER B 104 23.84 -3.54 15.83
CA SER B 104 23.21 -4.85 15.89
C SER B 104 22.50 -5.18 14.58
N ALA B 105 22.05 -4.15 13.87
CA ALA B 105 21.39 -4.33 12.58
C ALA B 105 22.14 -3.56 11.49
N PHE B 106 22.55 -4.24 10.42
CA PHE B 106 23.11 -3.53 9.28
C PHE B 106 22.89 -4.28 7.99
N ARG B 107 23.15 -3.60 6.89
CA ARG B 107 23.02 -4.20 5.58
C ARG B 107 24.28 -4.02 4.75
N ALA B 108 24.52 -4.98 3.86
CA ALA B 108 25.75 -5.03 3.10
C ALA B 108 25.49 -5.34 1.64
N ILE B 109 26.23 -4.66 0.78
CA ILE B 109 26.23 -4.97 -0.64
C ILE B 109 27.63 -5.41 -1.07
N PHE B 110 27.71 -6.53 -1.77
CA PHE B 110 29.01 -7.05 -2.15
C PHE B 110 28.91 -7.88 -3.43
N PRO B 111 30.00 -7.91 -4.20
CA PRO B 111 30.02 -8.75 -5.40
C PRO B 111 30.30 -10.20 -5.02
N GLN B 112 30.05 -11.10 -5.96
CA GLN B 112 30.42 -12.50 -5.82
C GLN B 112 31.91 -12.66 -6.13
N THR B 113 32.49 -13.74 -5.61
CA THR B 113 33.90 -14.03 -5.84
C THR B 113 34.05 -15.37 -6.53
N CYS B 114 34.95 -15.45 -7.51
CA CYS B 114 35.32 -16.69 -8.14
C CYS B 114 36.24 -17.47 -7.21
N PRO B 115 35.81 -18.68 -6.81
CA PRO B 115 36.55 -19.52 -5.87
C PRO B 115 37.95 -19.88 -6.35
N GLU B 116 38.11 -20.10 -7.64
CA GLU B 116 39.39 -20.56 -8.17
C GLU B 116 40.41 -19.43 -8.31
N THR B 117 39.94 -18.19 -8.45
CA THR B 117 40.85 -17.08 -8.71
C THR B 117 40.86 -15.97 -7.65
N GLY B 118 39.83 -15.91 -6.81
CA GLY B 118 39.70 -14.78 -5.89
C GLY B 118 39.26 -13.47 -6.54
N GLN B 119 38.99 -13.51 -7.85
CA GLN B 119 38.52 -12.30 -8.53
C GLN B 119 37.05 -12.04 -8.18
N THR B 120 36.71 -10.79 -7.89
CA THR B 120 35.32 -10.44 -7.69
C THR B 120 34.69 -10.19 -9.06
N LEU B 121 33.45 -10.62 -9.22
CA LEU B 121 32.84 -10.72 -10.52
C LEU B 121 31.49 -10.05 -10.59
N LYS B 122 31.33 -8.95 -9.86
CA LYS B 122 30.04 -8.27 -9.80
C LYS B 122 28.92 -9.23 -9.32
N HIS B 123 27.84 -9.31 -10.10
CA HIS B 123 26.69 -10.13 -9.72
C HIS B 123 26.32 -9.90 -8.27
N HIS B 124 26.26 -8.62 -7.89
CA HIS B 124 26.09 -8.23 -6.50
C HIS B 124 24.83 -8.79 -5.85
N VAL B 125 24.89 -8.98 -4.54
CA VAL B 125 23.73 -9.31 -3.75
C VAL B 125 23.72 -8.39 -2.53
N MSE B 126 22.62 -8.44 -1.77
CA MSE B 126 22.45 -7.65 -0.57
C MSE B 126 22.31 -8.60 0.60
O MSE B 126 21.54 -9.56 0.53
CB MSE B 126 21.21 -6.75 -0.71
CG MSE B 126 21.06 -5.65 0.35
SE MSE B 126 20.36 -6.25 2.07
CE MSE B 126 18.60 -6.87 1.50
N ALA B 127 23.07 -8.36 1.68
CA ALA B 127 22.87 -9.12 2.91
C ALA B 127 22.30 -8.24 4.01
N ASP B 128 21.23 -8.72 4.64
CA ASP B 128 20.62 -8.05 5.77
C ASP B 128 20.98 -8.82 7.04
N VAL B 129 21.63 -8.15 8.00
CA VAL B 129 22.26 -8.85 9.11
C VAL B 129 21.73 -8.40 10.48
N ARG B 130 21.63 -9.34 11.42
CA ARG B 130 21.47 -9.01 12.84
C ARG B 130 22.58 -9.68 13.62
N LEU B 131 23.26 -8.89 14.45
CA LEU B 131 24.21 -9.44 15.42
C LEU B 131 23.39 -9.76 16.67
N HIS B 132 23.80 -10.77 17.44
CA HIS B 132 22.99 -11.20 18.57
C HIS B 132 23.83 -11.30 19.83
N GLN B 133 23.21 -11.02 20.97
CA GLN B 133 23.88 -11.05 22.26
C GLN B 133 24.39 -12.46 22.59
N GLY B 134 23.47 -13.43 22.64
CA GLY B 134 23.85 -14.77 23.04
C GLY B 134 23.73 -15.74 21.89
N GLY B 135 24.50 -15.49 20.84
CA GLY B 135 24.50 -16.34 19.67
C GLY B 135 25.14 -15.70 18.45
N ALA B 136 25.52 -16.55 17.50
CA ALA B 136 26.08 -16.13 16.23
C ALA B 136 25.08 -15.27 15.45
N PRO B 137 25.56 -14.56 14.42
CA PRO B 137 24.64 -13.71 13.67
C PRO B 137 23.63 -14.50 12.83
N THR B 138 22.59 -13.81 12.40
CA THR B 138 21.65 -14.34 11.43
C THR B 138 21.76 -13.46 10.20
N ILE B 139 21.60 -14.06 9.02
CA ILE B 139 21.92 -13.37 7.76
C ILE B 139 20.91 -13.72 6.69
N ILE B 140 20.31 -12.70 6.10
CA ILE B 140 19.40 -12.88 4.99
C ILE B 140 20.08 -12.32 3.76
N ILE B 141 20.42 -13.18 2.81
CA ILE B 141 20.99 -12.73 1.55
C ILE B 141 19.91 -12.68 0.48
N THR B 142 19.66 -11.49 -0.07
CA THR B 142 18.67 -11.40 -1.13
C THR B 142 19.36 -11.44 -2.49
N GLU B 143 19.00 -12.45 -3.26
CA GLU B 143 19.50 -12.64 -4.63
C GLU B 143 18.48 -12.06 -5.61
N PRO B 144 18.78 -10.90 -6.22
CA PRO B 144 17.80 -10.28 -7.12
C PRO B 144 17.61 -11.07 -8.40
N ALA B 145 18.59 -11.90 -8.77
CA ALA B 145 18.42 -12.68 -9.98
C ALA B 145 18.13 -14.14 -9.58
N VAL B 146 19.07 -15.05 -9.86
CA VAL B 146 18.86 -16.46 -9.51
C VAL B 146 20.05 -17.03 -8.76
N ILE B 147 19.76 -18.00 -7.89
CA ILE B 147 20.79 -18.65 -7.08
C ILE B 147 21.74 -19.49 -7.92
N VAL B 148 21.20 -20.24 -8.87
CA VAL B 148 22.02 -21.25 -9.56
C VAL B 148 22.82 -20.69 -10.73
N GLY B 149 22.11 -20.08 -11.69
CA GLY B 149 22.75 -19.52 -12.87
C GLY B 149 22.75 -20.53 -14.01
N ALA B 150 22.62 -20.04 -15.23
CA ALA B 150 22.45 -20.92 -16.39
C ALA B 150 23.63 -21.89 -16.56
N ARG B 151 24.82 -21.52 -16.07
CA ARG B 151 25.96 -22.46 -16.09
C ARG B 151 26.45 -22.80 -14.69
N TYR B 152 25.55 -22.70 -13.73
CA TYR B 152 25.83 -23.04 -12.34
C TYR B 152 26.92 -22.20 -11.71
N GLN B 153 27.25 -21.05 -12.31
CA GLN B 153 28.32 -20.23 -11.74
C GLN B 153 27.86 -19.51 -10.45
N GLN B 154 26.68 -18.92 -10.46
CA GLN B 154 26.18 -18.23 -9.26
C GLN B 154 26.11 -19.18 -8.06
N LEU B 155 25.72 -20.43 -8.31
CA LEU B 155 25.63 -21.42 -7.25
C LEU B 155 26.99 -21.65 -6.58
N GLN B 156 28.04 -21.79 -7.38
CA GLN B 156 29.39 -21.97 -6.86
C GLN B 156 29.82 -20.76 -6.04
N ARG B 157 29.45 -19.58 -6.52
CA ARG B 157 29.80 -18.36 -5.85
C ARG B 157 29.07 -18.22 -4.52
N HIS B 158 27.78 -18.55 -4.51
CA HIS B 158 27.00 -18.56 -3.29
C HIS B 158 27.54 -19.60 -2.32
N ASN B 159 27.92 -20.77 -2.83
CA ASN B 159 28.53 -21.79 -1.97
C ASN B 159 29.84 -21.35 -1.30
N LEU B 160 30.66 -20.59 -2.04
CA LEU B 160 31.89 -20.02 -1.50
C LEU B 160 31.56 -19.09 -0.32
N THR B 161 30.57 -18.22 -0.51
CA THR B 161 30.12 -17.34 0.58
C THR B 161 29.70 -18.18 1.80
N LEU B 162 28.90 -19.20 1.56
CA LEU B 162 28.42 -20.06 2.66
C LEU B 162 29.58 -20.76 3.36
N GLU B 163 30.51 -21.27 2.56
CA GLU B 163 31.66 -21.99 3.09
C GLU B 163 32.48 -21.07 3.99
N ASP B 164 32.73 -19.85 3.52
CA ASP B 164 33.51 -18.91 4.30
C ASP B 164 32.75 -18.51 5.57
N LEU B 165 31.44 -18.28 5.47
CA LEU B 165 30.61 -17.97 6.64
C LEU B 165 30.70 -19.09 7.66
N SER B 166 30.56 -20.32 7.18
CA SER B 166 30.61 -21.48 8.05
C SER B 166 31.95 -21.61 8.79
N GLU B 167 33.04 -21.52 8.03
CA GLU B 167 34.39 -21.62 8.60
C GLU B 167 34.68 -20.49 9.58
N SER B 168 33.99 -19.36 9.43
CA SER B 168 34.19 -18.24 10.35
C SER B 168 33.37 -18.39 11.64
N GLY B 169 32.57 -19.45 11.72
CA GLY B 169 31.79 -19.73 12.92
C GLY B 169 30.31 -19.38 12.86
N VAL B 170 29.81 -19.05 11.69
CA VAL B 170 28.38 -18.83 11.52
C VAL B 170 27.69 -20.14 11.14
N PRO B 171 26.80 -20.66 11.99
CA PRO B 171 26.06 -21.86 11.58
C PRO B 171 25.17 -21.54 10.38
N LEU B 172 25.24 -22.34 9.33
CA LEU B 172 24.51 -22.05 8.10
C LEU B 172 23.00 -22.17 8.28
N SER B 173 22.56 -22.80 9.37
CA SER B 173 21.14 -22.89 9.64
C SER B 173 20.59 -21.52 10.04
N GLN B 174 21.49 -20.55 10.23
CA GLN B 174 21.08 -19.18 10.55
C GLN B 174 21.23 -18.26 9.35
N VAL B 175 21.41 -18.85 8.18
CA VAL B 175 21.55 -18.09 6.94
C VAL B 175 20.47 -18.48 5.94
N ALA B 176 19.89 -17.50 5.28
CA ALA B 176 18.93 -17.74 4.22
C ALA B 176 19.31 -16.98 2.97
N ILE B 177 19.14 -17.62 1.82
CA ILE B 177 19.30 -16.94 0.54
C ILE B 177 17.95 -16.88 -0.13
N ILE B 178 17.46 -15.68 -0.33
CA ILE B 178 16.15 -15.49 -0.89
C ILE B 178 16.29 -15.04 -2.33
N GLU B 179 15.79 -15.89 -3.22
CA GLU B 179 15.89 -15.66 -4.65
C GLU B 179 14.64 -14.94 -5.15
N THR B 180 14.78 -13.73 -5.65
CA THR B 180 13.58 -12.98 -6.07
C THR B 180 13.24 -13.10 -7.55
N GLN B 181 14.25 -13.37 -8.39
CA GLN B 181 14.07 -13.39 -9.85
C GLN B 181 13.51 -12.08 -10.41
N ALA B 182 13.71 -10.97 -9.69
CA ALA B 182 13.23 -9.69 -10.18
C ALA B 182 14.11 -9.17 -11.35
N ALA B 183 15.41 -9.44 -11.27
CA ALA B 183 16.34 -8.93 -12.28
C ALA B 183 16.37 -9.84 -13.50
N ALA B 184 16.26 -9.24 -14.68
CA ALA B 184 16.29 -10.00 -15.93
C ALA B 184 17.71 -10.30 -16.40
N THR B 185 18.66 -9.47 -15.98
CA THR B 185 20.08 -9.69 -16.29
C THR B 185 20.93 -9.44 -15.04
N SER B 186 22.23 -9.60 -15.16
CA SER B 186 23.07 -9.30 -14.02
C SER B 186 23.76 -7.94 -14.14
N ASP B 187 23.43 -7.18 -15.18
CA ASP B 187 24.08 -5.88 -15.33
C ASP B 187 23.54 -4.77 -14.39
N ASP B 188 22.35 -4.94 -13.82
CA ASP B 188 21.76 -3.95 -12.91
C ASP B 188 21.75 -4.39 -11.45
N CYS B 189 22.53 -5.42 -11.14
CA CYS B 189 22.43 -6.05 -9.82
C CYS B 189 22.88 -5.14 -8.68
N VAL B 190 23.76 -4.20 -8.96
CA VAL B 190 24.15 -3.23 -7.92
C VAL B 190 22.95 -2.36 -7.55
N MSE B 191 22.18 -1.92 -8.54
CA MSE B 191 21.00 -1.11 -8.28
C MSE B 191 19.93 -1.92 -7.55
O MSE B 191 19.33 -1.43 -6.60
CB MSE B 191 20.44 -0.52 -9.59
CG MSE B 191 21.35 0.54 -10.23
SE MSE B 191 21.55 2.08 -9.02
CE MSE B 191 23.26 1.62 -8.18
N TYR B 192 19.68 -3.16 -7.99
CA TYR B 192 18.72 -3.99 -7.27
C TYR B 192 19.16 -4.19 -5.83
N SER B 193 20.46 -4.46 -5.62
CA SER B 193 20.98 -4.68 -4.28
C SER B 193 20.85 -3.43 -3.41
N LEU B 194 21.16 -2.25 -3.97
CA LEU B 194 20.98 -1.00 -3.25
C LEU B 194 19.51 -0.76 -2.91
N ASN B 195 18.65 -0.95 -3.91
CA ASN B 195 17.22 -0.77 -3.68
C ASN B 195 16.73 -1.72 -2.61
N TYR B 196 17.21 -2.95 -2.68
CA TYR B 196 16.80 -3.97 -1.72
C TYR B 196 17.21 -3.62 -0.29
N ALA B 197 18.39 -3.02 -0.13
CA ALA B 197 18.84 -2.59 1.20
C ALA B 197 17.85 -1.58 1.80
N ILE B 198 17.47 -0.60 1.00
CA ILE B 198 16.52 0.40 1.43
C ILE B 198 15.18 -0.27 1.79
N LYS B 199 14.72 -1.18 0.93
CA LYS B 199 13.45 -1.85 1.20
C LYS B 199 13.51 -2.73 2.45
N ALA B 200 14.68 -3.31 2.72
CA ALA B 200 14.86 -4.14 3.91
C ALA B 200 14.77 -3.31 5.17
N HIS B 201 15.33 -2.11 5.12
CA HIS B 201 15.23 -1.17 6.22
C HIS B 201 13.78 -0.73 6.40
N LYS B 202 13.13 -0.37 5.30
CA LYS B 202 11.76 0.13 5.35
C LYS B 202 10.82 -0.96 5.87
N ASN B 203 11.17 -2.22 5.63
CA ASN B 203 10.36 -3.33 6.13
C ASN B 203 11.06 -4.09 7.24
N ALA B 204 11.74 -3.36 8.12
CA ALA B 204 12.60 -3.94 9.15
C ALA B 204 11.87 -4.92 10.08
N ALA B 205 10.59 -4.66 10.33
CA ALA B 205 9.83 -5.51 11.26
C ALA B 205 9.68 -6.92 10.70
N GLN B 206 9.41 -7.02 9.40
CA GLN B 206 9.25 -8.32 8.76
C GLN B 206 10.58 -9.05 8.69
N PHE B 207 11.65 -8.31 8.46
CA PHE B 207 13.00 -8.89 8.43
C PHE B 207 13.38 -9.32 9.85
N ASP B 208 12.98 -8.51 10.83
CA ASP B 208 13.20 -8.87 12.24
C ASP B 208 12.62 -10.25 12.52
N ASP B 209 11.42 -10.50 12.00
CA ASP B 209 10.75 -11.76 12.25
C ASP B 209 11.47 -12.92 11.58
N ILE B 210 11.97 -12.70 10.37
CA ILE B 210 12.72 -13.74 9.69
C ILE B 210 14.04 -14.04 10.45
N HIS B 211 14.69 -12.98 10.93
CA HIS B 211 15.91 -13.16 11.73
C HIS B 211 15.61 -13.96 13.00
N HIS B 212 14.50 -13.63 13.66
CA HIS B 212 14.08 -14.38 14.85
C HIS B 212 13.93 -15.87 14.54
N GLY B 213 13.32 -16.20 13.40
CA GLY B 213 13.23 -17.59 12.99
C GLY B 213 14.59 -18.21 12.73
N LEU B 214 15.44 -17.47 12.03
CA LEU B 214 16.78 -17.95 11.71
C LEU B 214 17.63 -18.20 12.97
N GLN B 215 17.40 -17.46 14.04
CA GLN B 215 18.06 -17.73 15.31
C GLN B 215 17.74 -19.15 15.80
N HIS B 216 16.61 -19.68 15.37
CA HIS B 216 16.22 -21.02 15.76
C HIS B 216 16.35 -22.01 14.60
N GLY B 217 17.12 -21.61 13.59
CA GLY B 217 17.43 -22.49 12.47
C GLY B 217 16.28 -22.76 11.52
N THR B 218 15.31 -21.85 11.44
CA THR B 218 14.17 -22.10 10.58
C THR B 218 13.79 -20.90 9.72
N LEU B 219 13.24 -21.20 8.54
CA LEU B 219 12.73 -20.18 7.61
C LEU B 219 11.30 -20.50 7.22
N SER B 220 10.37 -19.60 7.52
CA SER B 220 8.97 -19.83 7.24
C SER B 220 8.72 -20.08 5.75
N THR B 221 7.83 -21.03 5.46
CA THR B 221 7.40 -21.42 4.10
C THR B 221 8.45 -22.19 3.32
N GLU B 222 9.61 -22.43 3.90
CA GLU B 222 10.72 -23.00 3.12
C GLU B 222 10.38 -24.35 2.48
N SER B 223 9.63 -25.18 3.22
CA SER B 223 9.22 -26.51 2.76
C SER B 223 8.43 -26.48 1.44
N GLU B 224 7.76 -25.35 1.16
CA GLU B 224 7.08 -25.20 -0.13
C GLU B 224 7.82 -24.23 -1.06
N SER B 225 8.42 -23.19 -0.49
CA SER B 225 8.99 -22.11 -1.29
C SER B 225 10.33 -22.49 -1.94
N ARG B 226 11.16 -23.26 -1.24
CA ARG B 226 12.48 -23.60 -1.76
C ARG B 226 12.39 -24.29 -3.13
N ALA B 227 11.38 -25.14 -3.26
CA ALA B 227 11.17 -25.91 -4.49
C ALA B 227 10.85 -24.99 -5.66
N ARG B 228 10.40 -23.77 -5.37
CA ARG B 228 10.04 -22.81 -6.42
C ARG B 228 11.25 -22.01 -6.91
N THR B 229 12.41 -22.25 -6.31
CA THR B 229 13.60 -21.51 -6.71
C THR B 229 14.38 -22.34 -7.70
N THR B 230 15.31 -21.70 -8.43
CA THR B 230 16.20 -22.45 -9.31
C THR B 230 17.03 -23.44 -8.50
N LEU B 231 17.34 -23.09 -7.26
CA LEU B 231 18.04 -24.04 -6.38
C LEU B 231 17.18 -25.29 -6.15
N GLY B 232 15.91 -25.08 -5.82
CA GLY B 232 14.98 -26.17 -5.58
C GLY B 232 14.80 -27.07 -6.79
N ALA B 233 14.68 -26.46 -7.96
CA ALA B 233 14.54 -27.21 -9.20
C ALA B 233 15.74 -28.14 -9.41
N LEU B 234 16.94 -27.61 -9.17
CA LEU B 234 18.17 -28.39 -9.36
C LEU B 234 18.24 -29.53 -8.35
N GLU B 235 17.86 -29.24 -7.11
CA GLU B 235 17.80 -30.26 -6.07
C GLU B 235 16.82 -31.38 -6.45
N ALA B 236 15.67 -31.01 -6.99
CA ALA B 236 14.66 -31.98 -7.42
C ALA B 236 15.09 -32.75 -8.66
N SER B 237 15.70 -32.04 -9.62
CA SER B 237 16.18 -32.63 -10.86
C SER B 237 17.27 -33.66 -10.65
N SER B 238 18.22 -33.34 -9.79
CA SER B 238 19.43 -34.15 -9.64
C SER B 238 19.41 -35.06 -8.44
N SER B 239 18.53 -34.75 -7.47
CA SER B 239 18.50 -35.47 -6.19
C SER B 239 19.81 -35.37 -5.43
N TYR B 240 20.61 -34.37 -5.74
CA TYR B 240 21.85 -34.15 -5.00
C TYR B 240 21.75 -32.94 -4.09
N SER B 241 22.48 -32.98 -2.99
CA SER B 241 22.71 -31.80 -2.20
C SER B 241 23.71 -30.93 -2.98
N VAL B 242 23.27 -29.77 -3.43
CA VAL B 242 24.14 -28.93 -4.27
C VAL B 242 24.50 -27.61 -3.59
N MSE B 243 23.78 -27.29 -2.53
CA MSE B 243 24.15 -26.14 -1.72
C MSE B 243 24.63 -26.67 -0.38
O MSE B 243 24.15 -27.72 0.05
CB MSE B 243 22.98 -25.17 -1.54
CG MSE B 243 23.21 -24.09 -0.49
SE MSE B 243 21.92 -22.61 -0.59
CE MSE B 243 22.57 -21.84 -2.25
N HIS B 244 25.58 -25.98 0.24
CA HIS B 244 26.08 -26.42 1.55
C HIS B 244 24.94 -26.62 2.56
N GLU B 245 25.03 -27.70 3.33
CA GLU B 245 23.92 -28.13 4.16
C GLU B 245 23.63 -27.15 5.27
N GLY B 246 22.35 -27.00 5.60
CA GLY B 246 21.94 -26.11 6.66
C GLY B 246 21.38 -24.79 6.19
N ALA B 247 21.99 -24.22 5.14
CA ALA B 247 21.55 -22.92 4.62
C ALA B 247 20.14 -23.04 4.05
N HIS B 248 19.32 -22.02 4.29
CA HIS B 248 17.95 -21.98 3.82
C HIS B 248 17.82 -21.22 2.50
N ALA B 249 16.74 -21.48 1.77
CA ALA B 249 16.42 -20.72 0.56
C ALA B 249 14.92 -20.69 0.33
N ALA B 250 14.46 -19.61 -0.28
CA ALA B 250 13.05 -19.46 -0.61
C ALA B 250 12.88 -18.49 -1.75
N PHE B 251 11.70 -18.53 -2.36
CA PHE B 251 11.37 -17.59 -3.43
C PHE B 251 10.87 -16.27 -2.84
N GLY B 252 11.32 -15.15 -3.42
CA GLY B 252 11.04 -13.82 -2.90
C GLY B 252 9.59 -13.50 -2.57
N ALA B 253 8.67 -13.78 -3.49
CA ALA B 253 7.28 -13.40 -3.24
C ALA B 253 6.69 -14.15 -2.03
N ASP B 254 7.24 -15.31 -1.71
CA ASP B 254 6.69 -16.10 -0.61
C ASP B 254 7.00 -15.53 0.77
N VAL B 255 8.13 -14.82 0.90
CA VAL B 255 8.59 -14.39 2.21
C VAL B 255 8.90 -12.89 2.29
N LEU B 256 8.93 -12.20 1.15
CA LEU B 256 9.24 -10.76 1.14
C LEU B 256 8.04 -9.97 0.65
N PRO B 257 7.93 -8.70 1.07
CA PRO B 257 6.81 -7.86 0.61
C PRO B 257 6.96 -7.42 -0.84
N VAL B 258 5.86 -6.92 -1.40
CA VAL B 258 5.77 -6.55 -2.82
C VAL B 258 6.81 -5.51 -3.23
N ASP B 259 7.29 -4.74 -2.25
CA ASP B 259 8.36 -3.75 -2.43
C ASP B 259 9.49 -4.30 -3.32
N PHE B 260 9.81 -5.57 -3.10
CA PHE B 260 10.97 -6.18 -3.74
C PHE B 260 10.71 -6.59 -5.19
N TYR B 261 9.51 -6.31 -5.69
CA TYR B 261 9.19 -6.63 -7.09
C TYR B 261 8.86 -5.37 -7.92
N LYS B 262 8.91 -4.20 -7.28
CA LYS B 262 8.59 -2.96 -7.97
C LYS B 262 9.45 -2.68 -9.20
N HIS B 263 10.71 -3.13 -9.16
CA HIS B 263 11.63 -2.90 -10.28
C HIS B 263 11.86 -4.14 -11.12
N GLY B 264 10.98 -5.13 -10.94
CA GLY B 264 11.04 -6.34 -11.73
C GLY B 264 10.96 -6.01 -13.20
N ALA B 265 11.82 -6.65 -13.98
CA ALA B 265 11.89 -6.42 -15.42
C ALA B 265 10.68 -6.98 -16.15
N SER B 266 10.19 -8.14 -15.70
CA SER B 266 9.20 -8.89 -16.46
C SER B 266 7.76 -8.46 -16.19
N LEU B 267 7.08 -8.06 -17.25
CA LEU B 267 5.67 -7.74 -17.17
C LEU B 267 4.85 -8.97 -16.79
N THR B 268 5.21 -10.13 -17.38
CA THR B 268 4.40 -11.31 -17.14
C THR B 268 4.58 -11.77 -15.72
N GLN B 269 5.81 -11.67 -15.20
CA GLN B 269 6.04 -12.01 -13.80
C GLN B 269 5.09 -11.22 -12.90
N ALA B 270 5.00 -9.92 -13.13
CA ALA B 270 4.08 -9.07 -12.36
C ALA B 270 2.65 -9.59 -12.42
N TYR B 271 2.21 -9.97 -13.62
CA TYR B 271 0.86 -10.49 -13.82
C TYR B 271 0.63 -11.73 -12.96
N TYR B 272 1.54 -12.71 -13.05
CA TYR B 272 1.34 -13.96 -12.31
C TYR B 272 1.47 -13.73 -10.79
N LEU B 273 2.35 -12.82 -10.39
CA LEU B 273 2.48 -12.50 -8.97
C LEU B 273 1.18 -11.94 -8.39
N MSE B 274 0.50 -11.09 -9.16
CA MSE B 274 -0.77 -10.53 -8.74
C MSE B 274 -1.90 -11.56 -8.70
O MSE B 274 -2.93 -11.31 -8.08
CB MSE B 274 -1.19 -9.38 -9.66
CG MSE B 274 -0.39 -8.12 -9.41
SE MSE B 274 -1.23 -6.67 -10.37
CE MSE B 274 -2.80 -6.38 -9.21
N LYS B 275 -1.74 -12.70 -9.36
CA LYS B 275 -2.80 -13.69 -9.33
C LYS B 275 -2.68 -14.64 -8.15
N ARG B 276 -1.59 -14.54 -7.39
CA ARG B 276 -1.39 -15.41 -6.23
C ARG B 276 -2.55 -15.26 -5.21
N PRO B 277 -3.08 -16.41 -4.75
CA PRO B 277 -4.23 -16.45 -3.83
C PRO B 277 -4.07 -15.61 -2.57
N ASP B 278 -2.88 -15.54 -1.99
CA ASP B 278 -2.74 -14.78 -0.74
C ASP B 278 -2.86 -13.26 -0.95
N GLY B 279 -2.90 -12.84 -2.21
CA GLY B 279 -3.09 -11.43 -2.53
C GLY B 279 -1.96 -10.50 -2.10
N ARG B 280 -0.85 -11.08 -1.63
CA ARG B 280 0.22 -10.28 -1.03
C ARG B 280 0.97 -9.41 -2.04
N MSE B 281 0.88 -9.78 -3.31
CA MSE B 281 1.58 -9.05 -4.37
C MSE B 281 0.61 -8.14 -5.12
O MSE B 281 0.99 -7.49 -6.11
CB MSE B 281 2.25 -10.00 -5.34
CG MSE B 281 3.29 -10.94 -4.72
SE MSE B 281 4.92 -9.97 -4.14
CE MSE B 281 4.75 -10.38 -2.21
N ALA B 282 -0.63 -8.08 -4.66
CA ALA B 282 -1.73 -7.56 -5.48
C ALA B 282 -2.25 -6.19 -5.07
N GLY B 283 -1.65 -5.60 -4.04
CA GLY B 283 -2.09 -4.31 -3.54
C GLY B 283 -1.43 -3.09 -4.18
N ARG B 284 -1.61 -1.95 -3.54
CA ARG B 284 -1.04 -0.67 -3.98
C ARG B 284 0.49 -0.71 -3.80
N VAL B 285 1.27 -0.23 -4.78
CA VAL B 285 2.73 -0.22 -4.61
C VAL B 285 3.36 1.18 -4.58
N ASN B 286 2.56 2.22 -4.85
CA ASN B 286 3.03 3.59 -4.66
C ASN B 286 2.48 4.17 -3.36
N SER B 287 3.10 5.24 -2.85
CA SER B 287 2.74 5.82 -1.55
C SER B 287 1.38 6.50 -1.57
N GLU B 288 0.80 6.70 -0.39
CA GLU B 288 -0.58 7.16 -0.28
C GLU B 288 -0.79 8.59 -0.77
N GLY B 289 0.29 9.37 -0.84
CA GLY B 289 0.22 10.74 -1.31
C GLY B 289 -0.29 10.92 -2.73
N HIS B 290 -0.06 9.91 -3.58
CA HIS B 290 -0.48 9.98 -4.96
C HIS B 290 -2.00 9.96 -5.11
N SER B 291 -2.49 10.69 -6.11
CA SER B 291 -3.93 10.74 -6.40
C SER B 291 -4.45 9.34 -6.73
N GLU B 292 -3.90 8.76 -7.79
CA GLU B 292 -4.27 7.43 -8.25
C GLU B 292 -3.34 6.34 -7.72
N ALA B 293 -3.95 5.30 -7.16
CA ALA B 293 -3.23 4.11 -6.71
C ALA B 293 -2.60 3.42 -7.92
N GLU B 294 -1.57 2.63 -7.66
CA GLU B 294 -0.83 1.94 -8.70
C GLU B 294 -0.51 0.53 -8.20
N ASN B 295 -0.83 -0.50 -8.98
CA ASN B 295 -0.46 -1.86 -8.59
C ASN B 295 0.78 -2.31 -9.37
N LEU B 296 1.29 -3.51 -9.09
CA LEU B 296 2.54 -3.97 -9.70
C LEU B 296 2.47 -4.01 -11.23
N VAL B 297 1.37 -4.53 -11.77
CA VAL B 297 1.25 -4.61 -13.23
C VAL B 297 1.20 -3.20 -13.84
N GLN B 298 0.47 -2.29 -13.20
CA GLN B 298 0.35 -0.93 -13.73
C GLN B 298 1.69 -0.22 -13.69
N ARG B 299 2.45 -0.43 -12.62
CA ARG B 299 3.78 0.16 -12.51
C ARG B 299 4.70 -0.37 -13.60
N ASN B 300 4.69 -1.69 -13.76
CA ASN B 300 5.53 -2.32 -14.77
C ASN B 300 5.20 -1.75 -16.15
N GLN B 301 3.91 -1.63 -16.46
CA GLN B 301 3.51 -1.08 -17.75
C GLN B 301 3.97 0.37 -17.91
N ALA B 302 3.99 1.13 -16.81
CA ALA B 302 4.38 2.53 -16.85
C ALA B 302 5.86 2.71 -17.23
N PHE B 303 6.67 1.71 -16.92
CA PHE B 303 8.09 1.75 -17.23
C PHE B 303 8.47 0.84 -18.39
N ARG B 304 7.47 0.38 -19.13
CA ARG B 304 7.76 -0.51 -20.26
C ARG B 304 8.45 0.26 -21.38
N VAL B 305 9.54 -0.31 -21.87
CA VAL B 305 10.30 0.24 -22.99
C VAL B 305 10.74 -0.88 -23.91
N LYS B 306 11.16 -0.55 -25.13
CA LYS B 306 11.60 -1.59 -26.05
C LYS B 306 13.08 -1.43 -26.39
N ARG B 307 13.78 -2.55 -26.42
CA ARG B 307 15.19 -2.59 -26.78
C ARG B 307 15.38 -2.46 -28.29
N THR B 319 10.68 -7.20 -28.17
CA THR B 319 11.12 -7.67 -26.85
C THR B 319 11.11 -6.52 -25.84
N GLN B 320 9.93 -6.28 -25.26
CA GLN B 320 9.70 -5.21 -24.29
C GLN B 320 9.95 -5.62 -22.83
N PHE B 321 10.42 -4.68 -22.01
CA PHE B 321 10.72 -4.94 -20.61
C PHE B 321 10.57 -3.67 -19.80
N SER B 322 10.42 -3.77 -18.48
CA SER B 322 10.35 -2.59 -17.61
C SER B 322 11.73 -2.04 -17.28
N ALA B 323 11.94 -0.77 -17.57
CA ALA B 323 13.19 -0.10 -17.23
C ALA B 323 13.08 0.65 -15.91
N SER B 324 12.16 0.21 -15.05
CA SER B 324 12.03 0.80 -13.72
C SER B 324 13.36 0.88 -12.95
N ILE B 325 14.20 -0.15 -13.03
CA ILE B 325 15.44 -0.15 -12.26
C ILE B 325 16.37 0.94 -12.81
N ASP B 326 16.28 1.24 -14.11
CA ASP B 326 17.11 2.32 -14.66
C ASP B 326 16.61 3.69 -14.15
N GLY B 327 15.31 3.78 -13.88
CA GLY B 327 14.75 4.96 -13.26
C GLY B 327 15.23 5.11 -11.82
N PHE B 328 15.32 3.99 -11.11
CA PHE B 328 15.85 4.02 -9.75
C PHE B 328 17.29 4.58 -9.76
N ARG B 329 18.08 4.18 -10.75
CA ARG B 329 19.45 4.70 -10.86
C ARG B 329 19.44 6.22 -11.05
N LEU B 330 18.54 6.70 -11.91
CA LEU B 330 18.40 8.14 -12.09
C LEU B 330 18.06 8.83 -10.77
N GLN B 331 17.15 8.22 -10.03
CA GLN B 331 16.74 8.75 -8.72
C GLN B 331 17.90 8.82 -7.74
N GLU B 332 18.71 7.77 -7.70
CA GLU B 332 19.85 7.72 -6.79
C GLU B 332 20.94 8.75 -7.14
N ILE B 333 21.24 8.90 -8.43
CA ILE B 333 22.24 9.86 -8.84
C ILE B 333 21.74 11.26 -8.54
N LYS B 334 20.46 11.51 -8.81
CA LYS B 334 19.85 12.81 -8.48
C LYS B 334 19.96 13.09 -7.00
N ARG B 335 19.68 12.09 -6.18
CA ARG B 335 19.82 12.27 -4.74
C ARG B 335 21.26 12.63 -4.37
N VAL B 336 22.23 11.98 -4.99
CA VAL B 336 23.63 12.27 -4.69
C VAL B 336 23.98 13.71 -5.11
N LEU B 337 23.60 14.07 -6.33
CA LEU B 337 23.96 15.37 -6.85
C LEU B 337 23.21 16.51 -6.16
N ALA B 338 21.96 16.25 -5.77
CA ALA B 338 21.15 17.26 -5.11
C ALA B 338 21.75 17.63 -3.76
N ALA B 339 22.21 16.61 -3.04
CA ALA B 339 22.86 16.86 -1.77
C ALA B 339 24.16 17.62 -1.98
N ALA B 340 24.90 17.26 -3.02
CA ALA B 340 26.21 17.90 -3.23
C ALA B 340 26.13 19.35 -3.71
N GLN B 341 25.00 19.73 -4.32
CA GLN B 341 24.88 21.04 -4.96
C GLN B 341 23.90 21.98 -4.26
N ARG B 342 23.35 21.55 -3.13
CA ARG B 342 22.44 22.44 -2.40
C ARG B 342 23.15 23.66 -1.80
N GLU C 16 -13.01 45.53 -0.77
CA GLU C 16 -12.26 45.21 0.45
C GLU C 16 -12.70 43.86 1.05
N ARG C 17 -11.73 43.14 1.63
CA ARG C 17 -12.00 41.81 2.19
C ARG C 17 -11.49 41.67 3.62
N THR C 18 -12.10 40.74 4.37
CA THR C 18 -11.59 40.33 5.67
C THR C 18 -10.26 39.60 5.51
N GLN C 19 -9.64 39.21 6.61
CA GLN C 19 -8.31 38.61 6.55
C GLN C 19 -8.22 37.14 7.00
N SER C 20 -7.25 36.46 6.39
CA SER C 20 -6.96 35.05 6.60
C SER C 20 -5.53 34.88 7.08
N MSE C 21 -5.32 34.05 8.10
CA MSE C 21 -3.99 33.87 8.65
C MSE C 21 -3.02 33.18 7.68
O MSE C 21 -1.86 33.58 7.58
CB MSE C 21 -4.06 33.08 9.96
CG MSE C 21 -4.67 33.89 11.09
SE MSE C 21 -3.60 35.46 11.52
CE MSE C 21 -2.07 34.53 12.32
N ARG C 22 -3.50 32.15 6.98
CA ARG C 22 -2.67 31.51 5.95
C ARG C 22 -2.21 32.51 4.91
N LEU C 23 -3.11 33.40 4.53
CA LEU C 23 -2.81 34.39 3.52
C LEU C 23 -1.83 35.39 4.10
N GLN C 24 -2.04 35.74 5.36
CA GLN C 24 -1.17 36.68 6.05
C GLN C 24 0.28 36.15 6.08
N GLN C 25 0.45 34.84 6.21
CA GLN C 25 1.80 34.29 6.19
C GLN C 25 2.45 34.45 4.82
N LYS C 26 1.66 34.26 3.76
CA LYS C 26 2.17 34.44 2.41
C LYS C 26 2.49 35.92 2.15
N ILE C 27 1.68 36.80 2.72
CA ILE C 27 1.93 38.23 2.64
C ILE C 27 3.26 38.55 3.30
N ASN C 28 3.46 38.05 4.51
CA ASN C 28 4.69 38.30 5.24
C ASN C 28 5.91 37.76 4.49
N ASP C 29 5.75 36.63 3.81
CA ASP C 29 6.86 36.05 3.05
C ASP C 29 7.27 36.93 1.88
N LEU C 30 6.28 37.56 1.24
CA LEU C 30 6.51 38.30 0.01
C LEU C 30 7.01 39.73 0.25
N LYS C 31 6.53 40.37 1.31
CA LYS C 31 6.83 41.79 1.54
C LYS C 31 8.30 42.19 1.41
N PRO C 32 9.24 41.45 2.03
CA PRO C 32 10.63 41.90 1.91
C PRO C 32 11.13 41.94 0.47
N TYR C 33 10.72 40.97 -0.34
CA TYR C 33 11.13 40.96 -1.74
C TYR C 33 10.57 42.14 -2.51
N VAL C 34 9.32 42.48 -2.25
CA VAL C 34 8.71 43.60 -2.97
C VAL C 34 9.40 44.92 -2.60
N ARG C 35 9.77 45.03 -1.32
CA ARG C 35 10.42 46.23 -0.81
C ARG C 35 11.78 46.41 -1.48
N HIS C 36 12.43 45.32 -1.83
CA HIS C 36 13.72 45.41 -2.51
C HIS C 36 13.62 45.42 -4.04
N ALA C 37 12.44 45.13 -4.56
CA ALA C 37 12.21 45.13 -6.01
C ALA C 37 12.06 46.54 -6.57
N ARG C 38 12.15 46.68 -7.89
CA ARG C 38 11.98 47.97 -8.55
C ARG C 38 11.13 47.85 -9.82
N GLY C 39 10.46 48.93 -10.22
CA GLY C 39 9.77 48.95 -11.50
C GLY C 39 8.46 48.18 -11.51
N PRO C 40 8.00 47.79 -12.70
CA PRO C 40 6.72 47.09 -12.91
C PRO C 40 6.47 45.90 -11.98
N ILE C 41 7.49 45.08 -11.75
CA ILE C 41 7.29 43.91 -10.90
C ILE C 41 7.03 44.33 -9.45
N LYS C 42 7.65 45.43 -9.01
CA LYS C 42 7.41 45.92 -7.68
C LYS C 42 5.96 46.36 -7.56
N ALA C 43 5.50 47.12 -8.56
CA ALA C 43 4.12 47.60 -8.57
C ALA C 43 3.16 46.43 -8.58
N TYR C 44 3.47 45.41 -9.37
CA TYR C 44 2.66 44.20 -9.42
C TYR C 44 2.63 43.50 -8.06
N GLY C 45 3.80 43.31 -7.45
CA GLY C 45 3.87 42.73 -6.12
C GLY C 45 3.06 43.50 -5.09
N GLN C 46 3.10 44.82 -5.14
CA GLN C 46 2.37 45.63 -4.17
C GLN C 46 0.84 45.49 -4.39
N ALA C 47 0.39 45.49 -5.65
CA ALA C 47 -1.02 45.31 -5.96
C ALA C 47 -1.53 43.97 -5.47
N ALA C 48 -0.74 42.92 -5.71
CA ALA C 48 -1.11 41.57 -5.28
C ALA C 48 -1.15 41.49 -3.76
N LEU C 49 -0.24 42.20 -3.11
CA LEU C 49 -0.23 42.28 -1.65
C LEU C 49 -1.49 42.99 -1.13
N ASP C 50 -1.83 44.11 -1.77
CA ASP C 50 -3.04 44.84 -1.42
C ASP C 50 -4.29 43.98 -1.58
N ARG C 51 -4.34 43.24 -2.67
CA ARG C 51 -5.46 42.32 -2.92
C ARG C 51 -5.58 41.24 -1.86
N ALA C 52 -4.46 40.60 -1.52
CA ALA C 52 -4.51 39.53 -0.54
C ALA C 52 -4.80 40.03 0.87
N SER C 53 -4.42 41.28 1.15
CA SER C 53 -4.55 41.84 2.48
C SER C 53 -5.98 42.30 2.74
N GLY C 54 -6.78 42.36 1.68
CA GLY C 54 -8.13 42.85 1.81
C GLY C 54 -8.25 44.32 1.54
N ALA C 55 -7.15 44.95 1.12
CA ALA C 55 -7.18 46.36 0.77
C ALA C 55 -7.94 46.49 -0.55
N ALA C 56 -8.54 47.66 -0.79
CA ALA C 56 -9.19 47.90 -2.07
C ALA C 56 -8.13 47.98 -3.16
N THR C 57 -8.53 47.74 -4.40
CA THR C 57 -7.60 47.78 -5.52
C THR C 57 -8.31 48.32 -6.75
N SER C 58 -7.64 49.23 -7.46
CA SER C 58 -8.23 49.84 -8.64
C SER C 58 -7.53 49.35 -9.90
N VAL C 59 -7.45 48.04 -10.07
CA VAL C 59 -6.75 47.48 -11.21
C VAL C 59 -7.33 46.12 -11.61
N SER C 60 -7.11 45.76 -12.87
CA SER C 60 -7.49 44.47 -13.40
C SER C 60 -6.34 43.48 -13.26
N PHE C 61 -6.56 42.39 -12.52
CA PHE C 61 -5.48 41.45 -12.35
C PHE C 61 -5.30 40.60 -13.59
N ALA C 62 -6.36 40.47 -14.40
CA ALA C 62 -6.24 39.77 -15.66
C ALA C 62 -5.13 40.42 -16.50
N GLU C 63 -5.12 41.75 -16.56
CA GLU C 63 -4.11 42.46 -17.33
C GLU C 63 -2.72 42.40 -16.67
N LEU C 64 -2.67 42.67 -15.38
CA LEU C 64 -1.40 42.62 -14.65
C LEU C 64 -0.81 41.23 -14.64
N ASP C 65 -1.62 40.22 -14.33
CA ASP C 65 -1.12 38.84 -14.35
C ASP C 65 -0.54 38.50 -15.72
N ALA C 66 -1.25 38.89 -16.77
CA ALA C 66 -0.84 38.55 -18.14
C ALA C 66 0.47 39.24 -18.48
N THR C 67 0.62 40.47 -18.02
CA THR C 67 1.84 41.25 -18.26
C THR C 67 3.08 40.59 -17.64
N HIS C 68 2.90 39.97 -16.49
CA HIS C 68 4.04 39.39 -15.80
C HIS C 68 4.11 37.86 -15.89
N LEU C 69 3.23 37.27 -16.71
CA LEU C 69 3.16 35.81 -16.80
C LEU C 69 4.46 35.19 -17.30
N ASP C 70 5.11 35.81 -18.29
CA ASP C 70 6.35 35.24 -18.83
C ASP C 70 7.40 34.98 -17.76
N ALA C 71 7.52 35.91 -16.82
CA ALA C 71 8.53 35.79 -15.78
C ALA C 71 8.17 34.62 -14.84
N MSE C 72 6.88 34.46 -14.55
CA MSE C 72 6.43 33.35 -13.71
C MSE C 72 6.54 32.03 -14.45
O MSE C 72 6.91 31.01 -13.86
CB MSE C 72 4.99 33.60 -13.26
CG MSE C 72 4.86 34.83 -12.37
SE MSE C 72 3.02 35.18 -11.77
CE MSE C 72 2.37 36.17 -13.32
N VAL C 73 6.22 32.03 -15.74
CA VAL C 73 6.39 30.83 -16.55
C VAL C 73 7.85 30.36 -16.57
N TYR C 74 8.74 31.32 -16.75
CA TYR C 74 10.16 31.03 -16.80
C TYR C 74 10.63 30.31 -15.53
N ILE C 75 10.25 30.86 -14.37
CA ILE C 75 10.69 30.27 -13.12
C ILE C 75 10.05 28.89 -12.90
N GLU C 76 8.78 28.72 -13.28
CA GLU C 76 8.11 27.46 -13.03
C GLU C 76 8.66 26.35 -13.90
N ASN C 77 9.09 26.69 -15.12
CA ASN C 77 9.74 25.71 -16.01
C ASN C 77 11.07 25.20 -15.44
N GLN C 78 11.76 26.08 -14.72
CA GLN C 78 13.00 25.72 -14.06
C GLN C 78 12.71 24.90 -12.82
N ARG C 79 11.73 25.35 -12.06
CA ARG C 79 11.36 24.66 -10.83
C ARG C 79 10.89 23.26 -11.16
N ASN C 80 10.15 23.09 -12.26
CA ASN C 80 9.65 21.73 -12.54
C ASN C 80 9.99 21.31 -13.96
N PRO C 81 11.19 20.77 -14.14
CA PRO C 81 11.67 20.31 -15.45
C PRO C 81 10.62 19.39 -16.07
N GLY C 82 10.30 19.63 -17.34
CA GLY C 82 9.26 18.86 -17.99
C GLY C 82 7.91 19.55 -18.02
N LEU C 83 7.76 20.60 -17.21
CA LEU C 83 6.54 21.40 -17.24
C LEU C 83 6.28 21.90 -18.66
N ASN C 84 7.35 22.37 -19.31
CA ASN C 84 7.30 22.80 -20.69
C ASN C 84 6.15 23.75 -21.00
N LEU C 85 5.99 24.76 -20.15
CA LEU C 85 4.87 25.69 -20.25
C LEU C 85 5.23 26.87 -21.12
N LYS C 86 4.28 27.28 -21.96
CA LYS C 86 4.46 28.41 -22.85
C LYS C 86 3.32 29.41 -22.66
N HIS C 87 3.64 30.69 -22.73
CA HIS C 87 2.62 31.73 -22.76
C HIS C 87 2.44 32.17 -24.20
N PHE C 88 1.26 31.96 -24.76
CA PHE C 88 0.96 32.43 -26.11
C PHE C 88 0.00 33.61 -26.07
N ARG C 89 0.24 34.59 -26.92
CA ARG C 89 -0.57 35.80 -26.90
C ARG C 89 -1.91 35.63 -27.61
N ASP C 90 -2.06 34.53 -28.32
CA ASP C 90 -3.29 34.24 -29.03
C ASP C 90 -3.25 32.76 -29.33
N HIS C 91 -4.41 32.11 -29.42
CA HIS C 91 -4.39 30.68 -29.71
C HIS C 91 -3.86 30.44 -31.12
N TYR C 92 -3.81 31.49 -31.94
CA TYR C 92 -3.13 31.40 -33.24
C TYR C 92 -1.71 30.84 -33.07
N TYR C 93 -1.00 31.30 -32.05
CA TYR C 93 0.40 30.90 -31.85
C TYR C 93 0.55 29.52 -31.22
N LEU C 94 -0.49 29.07 -30.53
CA LEU C 94 -0.53 27.68 -30.07
C LEU C 94 -0.58 26.74 -31.26
N ILE C 95 -1.42 27.08 -32.22
CA ILE C 95 -1.60 26.26 -33.42
C ILE C 95 -0.29 26.18 -34.18
N GLN C 96 0.38 27.33 -34.28
CA GLN C 96 1.70 27.38 -34.88
C GLN C 96 2.66 26.43 -34.15
N ALA C 97 2.55 26.38 -32.83
CA ALA C 97 3.41 25.53 -31.99
C ALA C 97 3.17 24.04 -32.19
N LEU C 98 1.97 23.65 -32.61
CA LEU C 98 1.72 22.24 -32.91
C LEU C 98 2.50 21.81 -34.14
N GLN C 99 2.90 22.79 -34.96
CA GLN C 99 3.57 22.50 -36.21
C GLN C 99 5.06 22.78 -36.14
N SER C 100 5.62 22.71 -34.93
CA SER C 100 7.04 22.93 -34.76
C SER C 100 7.59 21.79 -33.91
N ASP C 101 8.91 21.63 -33.90
CA ASP C 101 9.53 20.50 -33.22
C ASP C 101 9.71 20.81 -31.73
N GLY C 102 8.71 20.48 -30.94
CA GLY C 102 8.78 20.67 -29.50
C GLY C 102 9.04 19.36 -28.78
N PRO C 103 8.89 19.36 -27.45
CA PRO C 103 8.67 18.10 -26.74
C PRO C 103 7.29 17.58 -27.13
N SER C 104 7.06 16.29 -26.97
CA SER C 104 5.77 15.73 -27.34
C SER C 104 4.69 16.23 -26.40
N ALA C 105 5.08 16.59 -25.18
CA ALA C 105 4.14 17.09 -24.18
C ALA C 105 4.53 18.50 -23.72
N PHE C 106 3.58 19.43 -23.82
CA PHE C 106 3.78 20.79 -23.31
C PHE C 106 2.45 21.41 -22.91
N ARG C 107 2.52 22.53 -22.22
CA ARG C 107 1.31 23.26 -21.87
C ARG C 107 1.36 24.70 -22.30
N ALA C 108 0.18 25.24 -22.53
CA ALA C 108 0.08 26.59 -23.06
C ALA C 108 -1.02 27.35 -22.33
N ILE C 109 -0.71 28.61 -22.05
CA ILE C 109 -1.69 29.56 -21.53
C ILE C 109 -1.90 30.65 -22.55
N PHE C 110 -3.16 30.95 -22.81
CA PHE C 110 -3.46 31.96 -23.81
C PHE C 110 -4.81 32.59 -23.49
N PRO C 111 -4.98 33.85 -23.91
CA PRO C 111 -6.27 34.51 -23.72
C PRO C 111 -7.25 34.08 -24.80
N GLN C 112 -8.53 34.39 -24.59
CA GLN C 112 -9.53 34.17 -25.62
C GLN C 112 -9.53 35.30 -26.62
N THR C 113 -10.00 35.02 -27.84
CA THR C 113 -10.07 36.01 -28.92
C THR C 113 -11.51 36.22 -29.36
N CYS C 114 -11.90 37.47 -29.58
CA CYS C 114 -13.20 37.77 -30.17
C CYS C 114 -13.17 37.54 -31.68
N PRO C 115 -14.03 36.64 -32.19
CA PRO C 115 -14.04 36.30 -33.62
C PRO C 115 -14.26 37.49 -34.53
N GLU C 116 -15.10 38.43 -34.11
CA GLU C 116 -15.46 39.55 -34.98
C GLU C 116 -14.39 40.64 -35.06
N THR C 117 -13.54 40.73 -34.05
CA THR C 117 -12.57 41.82 -34.00
C THR C 117 -11.11 41.39 -34.00
N GLY C 118 -10.84 40.13 -33.69
CA GLY C 118 -9.47 39.70 -33.51
C GLY C 118 -8.87 40.17 -32.19
N GLN C 119 -9.67 40.82 -31.37
CA GLN C 119 -9.17 41.30 -30.08
C GLN C 119 -9.03 40.17 -29.07
N THR C 120 -7.90 40.11 -28.38
CA THR C 120 -7.77 39.16 -27.28
C THR C 120 -8.40 39.78 -26.04
N LEU C 121 -9.09 38.97 -25.27
CA LEU C 121 -9.99 39.45 -24.23
C LEU C 121 -9.75 38.80 -22.89
N LYS C 122 -8.49 38.45 -22.58
CA LYS C 122 -8.24 37.81 -21.30
C LYS C 122 -9.02 36.49 -21.19
N HIS C 123 -9.76 36.33 -20.10
CA HIS C 123 -10.50 35.07 -19.86
C HIS C 123 -9.65 33.85 -20.18
N HIS C 124 -8.41 33.85 -19.71
CA HIS C 124 -7.43 32.83 -20.08
C HIS C 124 -7.83 31.40 -19.77
N VAL C 125 -7.31 30.47 -20.57
CA VAL C 125 -7.43 29.05 -20.25
C VAL C 125 -6.07 28.38 -20.41
N MSE C 126 -6.01 27.10 -20.06
CA MSE C 126 -4.77 26.34 -20.13
C MSE C 126 -5.01 25.15 -21.06
O MSE C 126 -6.02 24.46 -20.93
CB MSE C 126 -4.33 25.87 -18.74
CG MSE C 126 -2.94 25.27 -18.65
SE MSE C 126 -2.84 23.40 -19.24
CE MSE C 126 -4.02 22.60 -17.86
N ALA C 127 -4.09 24.94 -22.00
CA ALA C 127 -4.16 23.80 -22.88
C ALA C 127 -3.00 22.85 -22.59
N ASP C 128 -3.34 21.58 -22.37
CA ASP C 128 -2.37 20.50 -22.15
C ASP C 128 -2.34 19.65 -23.42
N VAL C 129 -1.16 19.53 -24.02
CA VAL C 129 -1.01 19.02 -25.38
C VAL C 129 -0.12 17.77 -25.44
N ARG C 130 -0.46 16.83 -26.32
CA ARG C 130 0.48 15.79 -26.71
C ARG C 130 0.64 15.79 -28.21
N LEU C 131 1.88 15.87 -28.66
CA LEU C 131 2.15 15.69 -30.08
C LEU C 131 2.37 14.20 -30.31
N HIS C 132 1.97 13.70 -31.47
CA HIS C 132 2.01 12.27 -31.73
C HIS C 132 2.71 11.98 -33.06
N ALA C 136 -1.62 13.55 -35.66
CA ALA C 136 -2.50 14.61 -35.14
C ALA C 136 -2.42 14.69 -33.62
N PRO C 137 -2.20 15.90 -33.09
CA PRO C 137 -2.06 16.05 -31.64
C PRO C 137 -3.37 15.78 -30.91
N THR C 138 -3.27 15.57 -29.60
CA THR C 138 -4.46 15.54 -28.75
C THR C 138 -4.36 16.73 -27.80
N ILE C 139 -5.49 17.36 -27.50
CA ILE C 139 -5.47 18.63 -26.78
C ILE C 139 -6.56 18.67 -25.72
N ILE C 140 -6.14 18.92 -24.48
CA ILE C 140 -7.06 19.11 -23.38
C ILE C 140 -7.03 20.57 -22.96
N ILE C 141 -8.14 21.27 -23.15
CA ILE C 141 -8.27 22.65 -22.69
C ILE C 141 -9.02 22.70 -21.35
N THR C 142 -8.36 23.22 -20.31
CA THR C 142 -9.03 23.35 -19.03
C THR C 142 -9.58 24.74 -18.87
N GLU C 143 -10.89 24.81 -18.71
CA GLU C 143 -11.62 26.05 -18.50
C GLU C 143 -11.85 26.23 -16.99
N PRO C 144 -11.12 27.16 -16.35
CA PRO C 144 -11.27 27.34 -14.89
C PRO C 144 -12.63 27.91 -14.48
N ALA C 145 -13.30 28.58 -15.41
CA ALA C 145 -14.61 29.15 -15.10
C ALA C 145 -15.70 28.32 -15.78
N VAL C 146 -16.39 28.90 -16.77
CA VAL C 146 -17.44 28.17 -17.48
C VAL C 146 -17.27 28.25 -19.00
N ILE C 147 -17.70 27.20 -19.69
CA ILE C 147 -17.56 27.16 -21.14
C ILE C 147 -18.45 28.19 -21.83
N VAL C 148 -19.68 28.34 -21.35
CA VAL C 148 -20.65 29.13 -22.10
C VAL C 148 -20.58 30.62 -21.77
N GLY C 149 -20.73 30.97 -20.50
CA GLY C 149 -20.68 32.38 -20.09
C GLY C 149 -22.08 32.96 -20.10
N ALA C 150 -22.36 33.86 -19.15
CA ALA C 150 -23.71 34.38 -18.92
C ALA C 150 -24.34 35.04 -20.15
N ARG C 151 -23.49 35.56 -21.04
CA ARG C 151 -23.94 36.16 -22.28
C ARG C 151 -23.43 35.39 -23.51
N TYR C 152 -23.13 34.11 -23.30
CA TYR C 152 -22.67 33.19 -24.36
C TYR C 152 -21.39 33.64 -25.04
N GLN C 153 -20.65 34.57 -24.43
CA GLN C 153 -19.42 35.07 -25.05
C GLN C 153 -18.28 34.05 -25.02
N GLN C 154 -18.06 33.41 -23.88
CA GLN C 154 -17.00 32.41 -23.78
C GLN C 154 -17.22 31.28 -24.78
N LEU C 155 -18.48 30.89 -24.98
CA LEU C 155 -18.79 29.82 -25.92
C LEU C 155 -18.35 30.19 -27.33
N GLN C 156 -18.68 31.40 -27.77
CA GLN C 156 -18.25 31.83 -29.11
C GLN C 156 -16.71 31.91 -29.19
N ARG C 157 -16.05 32.27 -28.09
CA ARG C 157 -14.59 32.32 -28.09
C ARG C 157 -13.99 30.92 -28.16
N HIS C 158 -14.56 29.97 -27.40
CA HIS C 158 -14.13 28.56 -27.47
C HIS C 158 -14.36 27.97 -28.85
N ASN C 159 -15.51 28.28 -29.46
CA ASN C 159 -15.79 27.82 -30.81
C ASN C 159 -14.79 28.33 -31.83
N LEU C 160 -14.35 29.58 -31.66
CA LEU C 160 -13.31 30.11 -32.52
C LEU C 160 -12.04 29.28 -32.42
N THR C 161 -11.62 28.99 -31.19
CA THR C 161 -10.44 28.16 -31.00
C THR C 161 -10.61 26.82 -31.72
N LEU C 162 -11.77 26.20 -31.51
CA LEU C 162 -12.02 24.90 -32.14
C LEU C 162 -12.00 25.01 -33.65
N GLU C 163 -12.60 26.08 -34.17
CA GLU C 163 -12.67 26.27 -35.62
C GLU C 163 -11.26 26.38 -36.19
N ASP C 164 -10.41 27.18 -35.54
CA ASP C 164 -9.04 27.34 -36.00
C ASP C 164 -8.24 26.03 -35.88
N LEU C 165 -8.43 25.30 -34.78
CA LEU C 165 -7.78 23.99 -34.62
C LEU C 165 -8.18 23.06 -35.77
N SER C 166 -9.48 23.02 -36.06
CA SER C 166 -10.01 22.15 -37.11
C SER C 166 -9.43 22.52 -38.47
N GLU C 167 -9.48 23.80 -38.82
CA GLU C 167 -8.97 24.26 -40.10
C GLU C 167 -7.48 24.00 -40.26
N SER C 168 -6.75 23.91 -39.14
CA SER C 168 -5.32 23.63 -39.19
C SER C 168 -5.06 22.15 -39.31
N GLY C 169 -6.12 21.35 -39.25
CA GLY C 169 -5.98 19.91 -39.40
C GLY C 169 -6.06 19.08 -38.13
N VAL C 170 -6.44 19.69 -37.02
CA VAL C 170 -6.65 18.92 -35.80
C VAL C 170 -8.10 18.43 -35.77
N PRO C 171 -8.31 17.10 -35.80
CA PRO C 171 -9.67 16.54 -35.70
C PRO C 171 -10.26 16.89 -34.34
N LEU C 172 -11.47 17.45 -34.32
CA LEU C 172 -12.04 17.91 -33.06
C LEU C 172 -12.38 16.77 -32.10
N SER C 173 -12.45 15.54 -32.62
CA SER C 173 -12.69 14.37 -31.76
C SER C 173 -11.45 14.07 -30.89
N GLN C 174 -10.36 14.78 -31.15
CA GLN C 174 -9.15 14.64 -30.34
C GLN C 174 -8.97 15.85 -29.43
N VAL C 175 -10.01 16.64 -29.29
CA VAL C 175 -9.96 17.83 -28.44
C VAL C 175 -11.01 17.73 -27.34
N ALA C 176 -10.63 18.11 -26.13
CA ALA C 176 -11.55 18.13 -25.00
C ALA C 176 -11.49 19.48 -24.29
N ILE C 177 -12.64 20.01 -23.91
CA ILE C 177 -12.67 21.21 -23.08
C ILE C 177 -13.27 20.82 -21.74
N ILE C 178 -12.48 20.97 -20.69
CA ILE C 178 -12.91 20.56 -19.36
C ILE C 178 -13.23 21.78 -18.51
N GLU C 179 -14.49 21.87 -18.12
CA GLU C 179 -15.01 22.99 -17.33
C GLU C 179 -14.91 22.69 -15.85
N THR C 180 -14.12 23.44 -15.10
CA THR C 180 -13.99 23.12 -13.67
C THR C 180 -14.91 23.94 -12.78
N GLN C 181 -15.31 25.12 -13.24
CA GLN C 181 -16.10 26.07 -12.43
C GLN C 181 -15.39 26.41 -11.12
N ALA C 182 -14.07 26.27 -11.07
CA ALA C 182 -13.39 26.60 -9.82
C ALA C 182 -13.35 28.12 -9.61
N ALA C 183 -13.21 28.88 -10.70
CA ALA C 183 -13.07 30.33 -10.61
C ALA C 183 -14.42 31.03 -10.47
N ALA C 184 -14.54 31.92 -9.49
CA ALA C 184 -15.80 32.63 -9.28
C ALA C 184 -15.93 33.84 -10.22
N THR C 185 -14.80 34.36 -10.69
CA THR C 185 -14.82 35.47 -11.65
C THR C 185 -13.82 35.21 -12.76
N SER C 186 -13.72 36.13 -13.72
CA SER C 186 -12.71 35.93 -14.75
C SER C 186 -11.48 36.81 -14.51
N ASP C 187 -11.45 37.55 -13.41
CA ASP C 187 -10.29 38.41 -13.16
C ASP C 187 -9.03 37.65 -12.72
N ASP C 188 -9.19 36.42 -12.23
CA ASP C 188 -8.03 35.66 -11.77
C ASP C 188 -7.68 34.49 -12.71
N CYS C 189 -8.23 34.49 -13.91
CA CYS C 189 -8.11 33.32 -14.78
C CYS C 189 -6.65 33.05 -15.19
N VAL C 190 -5.80 34.08 -15.23
CA VAL C 190 -4.40 33.84 -15.51
C VAL C 190 -3.75 33.00 -14.41
N MSE C 191 -4.06 33.31 -13.15
CA MSE C 191 -3.52 32.54 -12.03
C MSE C 191 -4.07 31.11 -12.02
O MSE C 191 -3.33 30.18 -11.75
CB MSE C 191 -3.82 33.22 -10.68
CG MSE C 191 -2.98 34.44 -10.35
SE MSE C 191 -1.04 34.21 -10.68
CE MSE C 191 -0.36 33.13 -9.34
N TYR C 192 -5.37 30.94 -12.30
CA TYR C 192 -5.91 29.58 -12.39
C TYR C 192 -5.23 28.80 -13.52
N SER C 193 -5.04 29.44 -14.67
CA SER C 193 -4.41 28.76 -15.81
C SER C 193 -2.98 28.37 -15.51
N LEU C 194 -2.23 29.26 -14.87
CA LEU C 194 -0.87 28.97 -14.46
C LEU C 194 -0.82 27.82 -13.46
N ASN C 195 -1.66 27.89 -12.43
CA ASN C 195 -1.70 26.82 -11.44
C ASN C 195 -2.10 25.50 -12.09
N TYR C 196 -3.06 25.57 -13.01
CA TYR C 196 -3.55 24.37 -13.67
C TYR C 196 -2.46 23.73 -14.54
N ALA C 197 -1.65 24.56 -15.17
CA ALA C 197 -0.54 24.05 -15.97
C ALA C 197 0.40 23.26 -15.05
N ILE C 198 0.71 23.83 -13.89
CA ILE C 198 1.56 23.13 -12.93
C ILE C 198 0.94 21.80 -12.48
N LYS C 199 -0.34 21.83 -12.17
CA LYS C 199 -1.02 20.61 -11.71
C LYS C 199 -1.12 19.56 -12.82
N ALA C 200 -1.25 20.02 -14.06
CA ALA C 200 -1.36 19.10 -15.19
C ALA C 200 -0.07 18.31 -15.32
N HIS C 201 1.04 19.00 -15.09
CA HIS C 201 2.35 18.39 -15.06
C HIS C 201 2.51 17.45 -13.88
N LYS C 202 2.15 17.91 -12.68
CA LYS C 202 2.29 17.11 -11.47
C LYS C 202 1.40 15.87 -11.57
N ASN C 203 0.30 15.98 -12.32
CA ASN C 203 -0.61 14.85 -12.53
C ASN C 203 -0.59 14.31 -13.97
N ALA C 204 0.60 14.24 -14.56
CA ALA C 204 0.75 13.89 -15.96
C ALA C 204 0.14 12.53 -16.36
N ALA C 205 0.13 11.57 -15.43
CA ALA C 205 -0.37 10.24 -15.78
C ALA C 205 -1.85 10.27 -16.11
N GLN C 206 -2.63 10.99 -15.31
CA GLN C 206 -4.06 11.07 -15.54
C GLN C 206 -4.34 11.85 -16.82
N PHE C 207 -3.53 12.85 -17.10
CA PHE C 207 -3.67 13.58 -18.34
C PHE C 207 -3.28 12.66 -19.50
N ASP C 208 -2.23 11.87 -19.31
CA ASP C 208 -1.83 10.89 -20.31
C ASP C 208 -2.99 9.95 -20.63
N ASP C 209 -3.74 9.55 -19.61
CA ASP C 209 -4.84 8.64 -19.82
C ASP C 209 -5.93 9.30 -20.64
N ILE C 210 -6.21 10.57 -20.37
CA ILE C 210 -7.19 11.28 -21.14
C ILE C 210 -6.71 11.49 -22.58
N HIS C 211 -5.42 11.78 -22.74
CA HIS C 211 -4.84 11.93 -24.07
C HIS C 211 -4.93 10.62 -24.86
N HIS C 212 -4.64 9.50 -24.18
CA HIS C 212 -4.76 8.17 -24.81
C HIS C 212 -6.17 7.95 -25.35
N GLY C 213 -7.17 8.30 -24.54
CA GLY C 213 -8.55 8.21 -24.99
C GLY C 213 -8.85 9.10 -26.18
N LEU C 214 -8.34 10.34 -26.13
CA LEU C 214 -8.56 11.29 -27.22
C LEU C 214 -7.96 10.84 -28.55
N GLN C 215 -6.87 10.08 -28.49
CA GLN C 215 -6.30 9.48 -29.70
C GLN C 215 -7.30 8.56 -30.39
N HIS C 216 -8.24 8.01 -29.61
CA HIS C 216 -9.26 7.14 -30.17
C HIS C 216 -10.57 7.89 -30.24
N GLY C 217 -10.48 9.20 -30.12
CA GLY C 217 -11.62 10.07 -30.31
C GLY C 217 -12.70 9.99 -29.24
N THR C 218 -12.33 9.58 -28.02
CA THR C 218 -13.33 9.43 -26.95
C THR C 218 -12.87 10.03 -25.62
N LEU C 219 -13.84 10.46 -24.82
CA LEU C 219 -13.56 10.96 -23.48
C LEU C 219 -14.43 10.23 -22.46
N SER C 220 -13.80 9.56 -21.51
CA SER C 220 -14.51 8.78 -20.50
C SER C 220 -15.43 9.66 -19.66
N THR C 221 -16.60 9.11 -19.33
CA THR C 221 -17.64 9.75 -18.52
C THR C 221 -18.39 10.86 -19.24
N GLU C 222 -17.99 11.17 -20.48
CA GLU C 222 -18.57 12.32 -21.17
C GLU C 222 -20.07 12.17 -21.29
N SER C 223 -20.52 10.94 -21.56
CA SER C 223 -21.93 10.62 -21.70
C SER C 223 -22.72 11.01 -20.45
N GLU C 224 -22.02 11.06 -19.31
CA GLU C 224 -22.63 11.54 -18.07
C GLU C 224 -22.13 12.94 -17.70
N SER C 225 -20.84 13.20 -17.91
CA SER C 225 -20.22 14.41 -17.38
C SER C 225 -20.56 15.67 -18.17
N ARG C 226 -20.69 15.53 -19.49
CA ARG C 226 -20.92 16.68 -20.34
C ARG C 226 -22.20 17.43 -19.94
N ALA C 227 -23.22 16.67 -19.54
CA ALA C 227 -24.50 17.26 -19.15
C ALA C 227 -24.39 18.11 -17.87
N ARG C 228 -23.33 17.88 -17.09
CA ARG C 228 -23.13 18.63 -15.84
C ARG C 228 -22.43 19.98 -16.05
N THR C 229 -22.04 20.26 -17.29
CA THR C 229 -21.35 21.52 -17.58
C THR C 229 -22.38 22.55 -18.06
N THR C 230 -22.00 23.83 -18.10
CA THR C 230 -22.87 24.86 -18.64
C THR C 230 -23.16 24.56 -20.13
N LEU C 231 -22.21 23.93 -20.81
CA LEU C 231 -22.41 23.51 -22.18
C LEU C 231 -23.49 22.43 -22.24
N GLY C 232 -23.40 21.45 -21.34
CA GLY C 232 -24.38 20.38 -21.29
C GLY C 232 -25.78 20.89 -20.99
N ALA C 233 -25.88 21.84 -20.06
CA ALA C 233 -27.17 22.43 -19.74
C ALA C 233 -27.76 23.15 -20.97
N LEU C 234 -26.94 23.91 -21.68
CA LEU C 234 -27.43 24.62 -22.86
C LEU C 234 -27.84 23.65 -23.98
N GLU C 235 -27.04 22.61 -24.19
CA GLU C 235 -27.38 21.59 -25.17
C GLU C 235 -28.69 20.88 -24.80
N ALA C 236 -28.88 20.58 -23.52
CA ALA C 236 -30.10 19.91 -23.10
C ALA C 236 -31.31 20.82 -23.21
N SER C 237 -31.12 22.09 -22.84
CA SER C 237 -32.22 23.06 -22.90
C SER C 237 -32.67 23.30 -24.34
N SER C 238 -31.72 23.41 -25.27
CA SER C 238 -32.05 23.79 -26.64
C SER C 238 -32.10 22.61 -27.61
N SER C 239 -31.51 21.48 -27.21
CA SER C 239 -31.38 20.30 -28.08
C SER C 239 -30.61 20.61 -29.37
N TYR C 240 -29.81 21.66 -29.32
CA TYR C 240 -28.98 22.07 -30.44
C TYR C 240 -27.51 21.76 -30.20
N SER C 241 -26.79 21.55 -31.30
CA SER C 241 -25.34 21.57 -31.25
C SER C 241 -24.90 23.03 -31.17
N VAL C 242 -24.29 23.42 -30.05
CA VAL C 242 -23.93 24.83 -29.85
C VAL C 242 -22.41 25.00 -29.79
N MSE C 243 -21.71 23.89 -29.60
CA MSE C 243 -20.26 23.84 -29.75
C MSE C 243 -19.95 23.02 -30.99
O MSE C 243 -20.73 22.13 -31.36
CB MSE C 243 -19.62 23.25 -28.49
CG MSE C 243 -18.19 22.79 -28.66
SE MSE C 243 -17.29 22.50 -26.97
CE MSE C 243 -17.25 24.33 -26.37
N HIS C 244 -18.86 23.33 -31.68
CA HIS C 244 -18.50 22.63 -32.90
C HIS C 244 -18.48 21.15 -32.62
N GLU C 245 -19.08 20.39 -33.52
CA GLU C 245 -19.28 18.97 -33.29
C GLU C 245 -17.96 18.22 -33.37
N GLY C 246 -17.85 17.15 -32.58
CA GLY C 246 -16.65 16.35 -32.50
C GLY C 246 -15.90 16.66 -31.22
N ALA C 247 -15.85 17.93 -30.85
CA ALA C 247 -15.14 18.34 -29.63
C ALA C 247 -15.84 17.75 -28.42
N HIS C 248 -15.04 17.29 -27.46
CA HIS C 248 -15.58 16.73 -26.22
C HIS C 248 -15.61 17.78 -25.10
N ALA C 249 -16.45 17.54 -24.10
CA ALA C 249 -16.46 18.39 -22.91
C ALA C 249 -16.90 17.59 -21.69
N ALA C 250 -16.39 17.95 -20.53
CA ALA C 250 -16.76 17.29 -19.28
C ALA C 250 -16.52 18.23 -18.09
N PHE C 251 -17.12 17.88 -16.95
CA PHE C 251 -16.94 18.64 -15.73
C PHE C 251 -15.64 18.23 -15.02
N GLY C 252 -14.92 19.21 -14.49
CA GLY C 252 -13.61 18.98 -13.92
C GLY C 252 -13.50 17.89 -12.88
N ALA C 253 -14.39 17.91 -11.89
CA ALA C 253 -14.29 16.93 -10.80
C ALA C 253 -14.47 15.50 -11.31
N ASP C 254 -15.15 15.32 -12.44
CA ASP C 254 -15.40 13.98 -12.97
C ASP C 254 -14.16 13.34 -13.61
N VAL C 255 -13.24 14.17 -14.14
CA VAL C 255 -12.13 13.64 -14.93
C VAL C 255 -10.74 14.13 -14.49
N LEU C 256 -10.71 15.11 -13.60
CA LEU C 256 -9.44 15.67 -13.13
C LEU C 256 -9.26 15.39 -11.64
N PRO C 257 -8.00 15.35 -11.16
CA PRO C 257 -7.76 15.13 -9.73
C PRO C 257 -8.15 16.34 -8.86
N VAL C 258 -8.27 16.10 -7.56
CA VAL C 258 -8.73 17.12 -6.62
C VAL C 258 -7.87 18.38 -6.61
N ASP C 259 -6.62 18.25 -7.05
CA ASP C 259 -5.68 19.38 -7.20
C ASP C 259 -6.32 20.59 -7.84
N PHE C 260 -7.19 20.36 -8.81
CA PHE C 260 -7.75 21.42 -9.61
C PHE C 260 -8.86 22.20 -8.91
N TYR C 261 -9.15 21.83 -7.66
CA TYR C 261 -10.18 22.54 -6.90
C TYR C 261 -9.63 23.20 -5.65
N LYS C 262 -8.33 23.05 -5.41
CA LYS C 262 -7.70 23.62 -4.24
C LYS C 262 -7.87 25.15 -4.14
N HIS C 263 -7.96 25.82 -5.28
CA HIS C 263 -8.12 27.28 -5.25
C HIS C 263 -9.54 27.70 -5.59
N GLY C 264 -10.46 26.76 -5.54
CA GLY C 264 -11.86 27.07 -5.79
C GLY C 264 -12.35 28.14 -4.82
N ALA C 265 -13.07 29.13 -5.34
CA ALA C 265 -13.57 30.21 -4.49
C ALA C 265 -14.70 29.74 -3.57
N SER C 266 -15.55 28.85 -4.09
CA SER C 266 -16.81 28.56 -3.42
C SER C 266 -16.70 27.52 -2.30
N LEU C 267 -17.08 27.92 -1.09
CA LEU C 267 -17.20 27.01 0.05
C LEU C 267 -18.26 25.90 -0.18
N THR C 268 -19.39 26.27 -0.77
CA THR C 268 -20.44 25.28 -0.95
C THR C 268 -20.00 24.27 -2.01
N GLN C 269 -19.32 24.73 -3.05
CA GLN C 269 -18.77 23.82 -4.06
C GLN C 269 -17.86 22.77 -3.42
N ALA C 270 -16.94 23.24 -2.59
CA ALA C 270 -16.04 22.34 -1.86
C ALA C 270 -16.83 21.31 -1.06
N TYR C 271 -17.88 21.77 -0.38
CA TYR C 271 -18.73 20.89 0.43
C TYR C 271 -19.36 19.80 -0.43
N TYR C 272 -20.00 20.18 -1.53
CA TYR C 272 -20.67 19.21 -2.39
C TYR C 272 -19.69 18.28 -3.12
N LEU C 273 -18.52 18.79 -3.49
CA LEU C 273 -17.52 17.95 -4.15
C LEU C 273 -17.07 16.82 -3.22
N MSE C 274 -16.88 17.13 -1.95
CA MSE C 274 -16.52 16.11 -0.96
C MSE C 274 -17.63 15.06 -0.72
O MSE C 274 -17.35 13.94 -0.32
CB MSE C 274 -16.14 16.76 0.37
CG MSE C 274 -14.80 17.51 0.31
SE MSE C 274 -14.08 17.92 2.09
CE MSE C 274 -13.84 16.09 2.76
N LYS C 275 -18.88 15.42 -0.97
CA LYS C 275 -19.98 14.47 -0.82
C LYS C 275 -20.07 13.43 -1.93
N ARG C 276 -19.33 13.62 -3.02
CA ARG C 276 -19.41 12.71 -4.16
C ARG C 276 -19.06 11.28 -3.72
N PRO C 277 -19.93 10.31 -4.07
CA PRO C 277 -19.81 8.90 -3.68
C PRO C 277 -18.45 8.27 -4.00
N ASP C 278 -17.86 8.63 -5.14
CA ASP C 278 -16.60 8.01 -5.54
C ASP C 278 -15.46 8.48 -4.64
N GLY C 279 -15.75 9.46 -3.80
CA GLY C 279 -14.79 9.95 -2.84
C GLY C 279 -13.56 10.63 -3.41
N ARG C 280 -13.52 10.83 -4.71
CA ARG C 280 -12.28 11.32 -5.34
C ARG C 280 -11.94 12.77 -4.97
N MSE C 281 -12.94 13.55 -4.57
CA MSE C 281 -12.69 14.91 -4.14
C MSE C 281 -12.56 15.03 -2.61
O MSE C 281 -12.43 16.13 -2.08
CB MSE C 281 -13.81 15.85 -4.64
CG MSE C 281 -13.98 15.88 -6.15
SE MSE C 281 -12.44 16.74 -7.07
CE MSE C 281 -11.82 15.21 -8.12
N ALA C 282 -12.60 13.90 -1.90
CA ALA C 282 -12.75 13.97 -0.44
C ALA C 282 -11.49 13.70 0.34
N GLY C 283 -10.38 13.43 -0.35
CA GLY C 283 -9.15 13.12 0.36
C GLY C 283 -8.29 14.32 0.73
N ARG C 284 -7.06 14.02 1.12
CA ARG C 284 -6.08 15.04 1.51
C ARG C 284 -5.65 15.89 0.32
N VAL C 285 -5.56 17.22 0.51
CA VAL C 285 -5.11 18.08 -0.59
C VAL C 285 -3.79 18.79 -0.32
N ASN C 286 -3.25 18.71 0.90
CA ASN C 286 -1.91 19.25 1.16
C ASN C 286 -0.91 18.09 1.15
N SER C 287 0.36 18.40 0.99
CA SER C 287 1.34 17.34 0.77
C SER C 287 1.49 16.45 2.00
N GLU C 288 1.98 15.24 1.76
CA GLU C 288 1.95 14.19 2.78
C GLU C 288 2.88 14.50 3.95
N GLY C 289 3.87 15.35 3.71
CA GLY C 289 4.81 15.76 4.74
C GLY C 289 4.22 16.47 5.94
N HIS C 290 3.11 17.18 5.72
CA HIS C 290 2.49 17.98 6.76
C HIS C 290 1.96 17.21 7.95
N SER C 291 2.05 17.85 9.11
CA SER C 291 1.56 17.30 10.35
C SER C 291 0.08 17.01 10.28
N GLU C 292 -0.71 18.06 10.11
CA GLU C 292 -2.15 17.91 10.00
C GLU C 292 -2.56 17.86 8.55
N ALA C 293 -3.32 16.82 8.19
CA ALA C 293 -3.89 16.71 6.87
C ALA C 293 -4.92 17.81 6.67
N GLU C 294 -5.17 18.16 5.42
CA GLU C 294 -6.08 19.24 5.11
C GLU C 294 -6.90 18.80 3.92
N ASN C 295 -8.22 18.83 4.04
CA ASN C 295 -9.06 18.50 2.89
C ASN C 295 -9.57 19.77 2.24
N LEU C 296 -10.32 19.62 1.17
CA LEU C 296 -10.81 20.74 0.39
C LEU C 296 -11.64 21.73 1.22
N VAL C 297 -12.56 21.24 2.05
CA VAL C 297 -13.37 22.16 2.84
C VAL C 297 -12.52 22.88 3.89
N GLN C 298 -11.61 22.16 4.52
CA GLN C 298 -10.74 22.76 5.52
C GLN C 298 -9.82 23.81 4.89
N ARG C 299 -9.31 23.52 3.70
CA ARG C 299 -8.45 24.49 2.99
C ARG C 299 -9.27 25.73 2.66
N ASN C 300 -10.47 25.52 2.13
CA ASN C 300 -11.34 26.64 1.79
C ASN C 300 -11.59 27.55 2.99
N GLN C 301 -11.86 26.96 4.15
CA GLN C 301 -12.07 27.75 5.36
C GLN C 301 -10.80 28.51 5.79
N ALA C 302 -9.63 27.92 5.57
CA ALA C 302 -8.38 28.55 5.97
C ALA C 302 -8.11 29.83 5.15
N PHE C 303 -8.61 29.88 3.93
CA PHE C 303 -8.43 31.05 3.08
C PHE C 303 -9.73 31.85 2.93
N ARG C 304 -10.69 31.57 3.81
CA ARG C 304 -11.98 32.22 3.76
C ARG C 304 -11.85 33.70 4.07
N VAL C 305 -12.44 34.54 3.23
CA VAL C 305 -12.52 35.97 3.47
C VAL C 305 -13.90 36.45 3.04
N LYS C 306 -14.30 37.61 3.54
CA LYS C 306 -15.61 38.18 3.23
C LYS C 306 -15.46 39.56 2.61
N ARG C 307 -16.38 39.93 1.72
CA ARG C 307 -16.37 41.27 1.17
C ARG C 307 -16.69 42.18 2.35
N ARG C 308 -15.89 43.24 2.50
CA ARG C 308 -15.89 43.99 3.74
C ARG C 308 -16.45 45.41 3.56
N GLU C 309 -16.49 45.90 2.32
CA GLU C 309 -16.68 47.33 2.08
C GLU C 309 -18.14 47.85 2.07
N LEU C 310 -19.12 46.97 1.86
CA LEU C 310 -20.53 47.39 1.97
C LEU C 310 -21.18 46.83 3.22
N THR C 319 -21.60 36.12 2.27
CA THR C 319 -20.95 36.02 0.96
C THR C 319 -19.45 35.74 1.08
N GLN C 320 -19.08 34.79 1.93
CA GLN C 320 -17.66 34.47 2.13
C GLN C 320 -17.16 33.51 1.06
N PHE C 321 -15.88 33.65 0.73
CA PHE C 321 -15.25 32.86 -0.31
C PHE C 321 -13.75 32.68 -0.01
N SER C 322 -13.15 31.69 -0.64
CA SER C 322 -11.73 31.44 -0.48
C SER C 322 -10.88 32.35 -1.39
N ALA C 323 -9.93 33.06 -0.78
CA ALA C 323 -8.97 33.87 -1.52
C ALA C 323 -7.67 33.07 -1.73
N SER C 324 -7.79 31.75 -1.71
CA SER C 324 -6.65 30.88 -1.95
C SER C 324 -5.90 31.23 -3.25
N ILE C 325 -6.61 31.59 -4.31
CA ILE C 325 -5.96 31.90 -5.59
C ILE C 325 -5.10 33.17 -5.45
N ASP C 326 -5.49 34.07 -4.56
CA ASP C 326 -4.68 35.26 -4.32
C ASP C 326 -3.39 34.93 -3.58
N GLY C 327 -3.45 33.88 -2.76
CA GLY C 327 -2.27 33.33 -2.11
C GLY C 327 -1.34 32.72 -3.13
N PHE C 328 -1.92 32.02 -4.10
CA PHE C 328 -1.09 31.44 -5.15
C PHE C 328 -0.35 32.57 -5.89
N ARG C 329 -1.02 33.71 -6.09
CA ARG C 329 -0.36 34.84 -6.76
C ARG C 329 0.86 35.33 -5.98
N LEU C 330 0.69 35.46 -4.68
CA LEU C 330 1.80 35.88 -3.82
C LEU C 330 2.94 34.89 -3.91
N GLN C 331 2.62 33.61 -3.92
CA GLN C 331 3.65 32.58 -4.03
C GLN C 331 4.45 32.72 -5.34
N GLU C 332 3.74 32.97 -6.45
CA GLU C 332 4.42 33.06 -7.73
C GLU C 332 5.31 34.30 -7.81
N ILE C 333 4.80 35.42 -7.32
CA ILE C 333 5.59 36.63 -7.36
C ILE C 333 6.83 36.43 -6.48
N LYS C 334 6.66 35.81 -5.32
CA LYS C 334 7.79 35.53 -4.45
C LYS C 334 8.84 34.66 -5.15
N ARG C 335 8.39 33.59 -5.82
CA ARG C 335 9.30 32.71 -6.55
C ARG C 335 10.08 33.47 -7.64
N VAL C 336 9.41 34.38 -8.35
CA VAL C 336 10.08 35.19 -9.36
C VAL C 336 11.12 36.13 -8.71
N LEU C 337 10.71 36.83 -7.67
CA LEU C 337 11.59 37.81 -7.05
C LEU C 337 12.76 37.12 -6.33
N ALA C 338 12.51 35.94 -5.76
CA ALA C 338 13.55 35.19 -5.07
C ALA C 338 14.63 34.78 -6.05
N ALA C 339 14.21 34.34 -7.23
CA ALA C 339 15.13 33.95 -8.30
C ALA C 339 15.95 35.14 -8.81
N ALA C 340 15.34 36.32 -8.82
CA ALA C 340 15.97 37.52 -9.37
C ALA C 340 17.16 37.95 -8.53
N GLN C 341 17.26 37.40 -7.33
CA GLN C 341 18.31 37.75 -6.39
C GLN C 341 19.31 36.60 -6.23
C1 IHP D . -20.06 -22.06 5.28
C2 IHP D . -19.56 -21.41 6.64
C3 IHP D . -20.04 -19.99 7.14
C4 IHP D . -20.98 -19.23 6.10
C5 IHP D . -20.93 -19.66 4.64
C6 IHP D . -21.20 -21.16 4.66
O11 IHP D . -19.08 -22.32 4.45
P1 IHP D . -18.57 -23.78 3.75
O21 IHP D . -17.05 -23.84 3.70
O31 IHP D . -19.11 -23.87 2.31
O41 IHP D . -19.05 -25.03 4.48
O12 IHP D . -18.20 -21.55 6.84
P2 IHP D . -17.71 -22.49 8.15
O22 IHP D . -18.26 -23.92 7.99
O32 IHP D . -16.20 -22.56 8.35
O42 IHP D . -18.38 -21.94 9.43
O13 IHP D . -18.98 -19.33 7.37
P3 IHP D . -18.28 -18.60 8.73
O23 IHP D . -17.94 -19.48 9.93
O33 IHP D . -16.99 -18.24 7.99
O43 IHP D . -19.01 -17.35 9.21
O14 IHP D . -20.84 -17.91 6.18
P4 IHP D . -21.85 -16.95 7.03
O24 IHP D . -21.54 -17.00 8.52
O34 IHP D . -21.81 -15.48 6.54
O44 IHP D . -23.30 -17.42 6.85
O15 IHP D . -19.88 -19.23 3.93
P5 IHP D . -20.01 -18.11 2.65
O25 IHP D . -21.39 -17.43 2.66
O35 IHP D . -18.94 -16.99 2.79
O45 IHP D . -19.83 -18.75 1.28
O16 IHP D . -21.54 -21.59 3.45
P6 IHP D . -22.61 -22.78 3.15
O26 IHP D . -23.77 -22.73 4.15
O36 IHP D . -23.20 -22.67 1.73
O46 IHP D . -21.95 -24.16 3.25
C1 CIT E . -15.77 -15.84 33.27
O1 CIT E . -16.72 -15.09 32.93
O2 CIT E . -16.01 -17.06 33.41
C2 CIT E . -14.40 -15.23 33.46
C3 CIT E . -13.32 -16.09 34.13
O7 CIT E . -12.63 -16.82 33.08
C4 CIT E . -12.32 -15.17 34.83
C5 CIT E . -11.00 -15.90 35.04
O3 CIT E . -10.22 -15.51 35.95
O4 CIT E . -10.71 -16.89 34.34
C6 CIT E . -13.85 -17.10 35.14
O5 CIT E . -14.45 -16.71 36.17
O6 CIT E . -13.71 -18.33 34.94
C1 CIT F . -17.20 -30.64 28.23
O1 CIT F . -17.40 -29.55 28.83
O2 CIT F . -16.77 -30.63 27.06
C2 CIT F . -17.52 -31.93 28.93
C3 CIT F . -18.74 -32.61 28.30
O7 CIT F . -19.06 -31.90 27.08
C4 CIT F . -18.45 -34.05 27.91
C5 CIT F . -18.46 -34.97 29.12
O3 CIT F . -17.99 -34.60 30.21
O4 CIT F . -18.96 -36.11 29.00
C6 CIT F . -19.98 -32.55 29.17
O5 CIT F . -21.11 -32.72 28.68
O6 CIT F . -19.89 -32.31 30.40
C1 IHP G . 10.68 5.56 -3.11
C2 IHP G . 10.55 7.03 -2.62
C3 IHP G . 9.68 7.99 -3.46
C4 IHP G . 8.64 6.99 -4.16
C5 IHP G . 9.11 5.97 -5.24
C6 IHP G . 10.26 5.21 -4.60
O11 IHP G . 11.50 4.74 -2.50
P1 IHP G . 13.04 4.27 -2.46
O21 IHP G . 13.05 3.06 -1.51
O31 IHP G . 13.95 5.42 -1.97
O41 IHP G . 13.60 3.84 -3.84
O12 IHP G . 11.56 7.57 -1.94
P2 IHP G . 11.26 7.96 -0.33
O22 IHP G . 9.92 7.40 0.11
O32 IHP G . 12.34 7.38 0.61
O42 IHP G . 11.24 9.48 -0.15
O13 IHP G . 10.21 8.97 -4.16
P3 IHP G . 10.32 10.59 -3.50
O23 IHP G . 11.57 10.71 -2.63
O33 IHP G . 10.41 11.63 -4.63
O43 IHP G . 9.11 11.00 -2.67
O14 IHP G . 7.74 7.66 -4.67
P4 IHP G . 6.25 7.52 -4.35
O24 IHP G . 5.73 6.09 -4.17
O34 IHP G . 5.92 8.31 -3.06
O44 IHP G . 5.49 8.19 -5.50
O15 IHP G . 9.31 6.47 -6.42
P5 IHP G . 9.00 5.91 -7.99
O25 IHP G . 9.41 7.06 -8.90
O35 IHP G . 9.92 4.71 -8.35
O45 IHP G . 7.59 5.47 -8.35
O16 IHP G . 11.07 4.55 -5.40
P6 IHP G . 10.83 2.90 -5.51
O26 IHP G . 12.14 2.10 -5.23
O36 IHP G . 9.80 2.45 -4.47
O46 IHP G . 10.23 2.49 -6.88
C1 CIT H . 34.80 -1.75 -8.88
O1 CIT H . 34.44 -1.54 -10.07
O2 CIT H . 35.73 -1.06 -8.39
C2 CIT H . 34.11 -2.81 -8.07
C3 CIT H . 34.61 -2.93 -6.64
O7 CIT H . 36.03 -3.20 -6.65
C4 CIT H . 33.90 -4.06 -5.86
C5 CIT H . 32.48 -4.33 -6.33
O3 CIT H . 31.51 -3.88 -5.68
O4 CIT H . 32.25 -5.06 -7.34
C6 CIT H . 34.36 -1.61 -5.93
O5 CIT H . 33.31 -0.98 -6.16
O6 CIT H . 35.21 -1.16 -5.12
C1 CIT I . 25.36 -13.80 -16.18
O1 CIT I . 24.64 -13.69 -17.19
O2 CIT I . 26.27 -12.95 -16.00
C2 CIT I . 25.14 -14.91 -15.17
C3 CIT I . 26.09 -16.09 -15.34
O7 CIT I . 27.00 -16.07 -14.20
C4 CIT I . 25.35 -17.42 -15.42
C5 CIT I . 25.69 -18.29 -14.23
O3 CIT I . 25.78 -17.79 -13.09
O4 CIT I . 25.90 -19.51 -14.37
C6 CIT I . 27.00 -15.93 -16.55
O5 CIT I . 26.60 -16.27 -17.69
O6 CIT I . 28.15 -15.47 -16.40
C1 IHP J . 3.78 23.35 -3.40
C2 IHP J . 3.96 23.63 -1.90
C3 IHP J . 2.68 23.35 -1.09
C4 IHP J . 1.43 24.16 -1.54
C5 IHP J . 1.13 24.14 -3.06
C6 IHP J . 2.34 23.63 -3.98
O11 IHP J . 4.75 23.90 -4.11
P1 IHP J . 5.99 22.92 -4.61
O21 IHP J . 5.69 21.51 -4.13
O31 IHP J . 7.32 23.38 -4.02
O41 IHP J . 6.10 22.88 -6.14
O12 IHP J . 4.70 24.74 -1.58
P2 IHP J . 6.34 24.77 -1.00
O22 IHP J . 6.43 25.69 0.20
O32 IHP J . 6.85 23.38 -0.55
O42 IHP J . 7.32 25.25 -2.07
O13 IHP J . 2.86 23.38 0.16
P3 IHP J . 2.38 22.03 0.90
O23 IHP J . 3.55 21.06 1.01
O33 IHP J . 1.88 22.50 2.28
O43 IHP J . 1.22 21.28 0.24
O14 IHP J . 1.26 25.38 -0.95
P4 IHP J . -0.12 26.13 -0.24
O24 IHP J . 0.43 27.32 0.52
O34 IHP J . -1.16 26.67 -1.26
O44 IHP J . -0.94 25.25 0.72
O15 IHP J . 0.47 25.19 -3.54
P5 IHP J . -0.99 24.87 -4.21
O25 IHP J . -2.14 25.41 -3.35
O35 IHP J . -1.12 25.39 -5.64
O45 IHP J . -1.17 23.35 -4.29
O16 IHP J . 2.52 24.50 -4.89
P6 IHP J . 2.25 24.66 -6.51
O26 IHP J . 1.69 23.48 -7.31
O36 IHP J . 1.26 25.84 -6.67
O46 IHP J . 3.57 25.11 -7.13
C1 CIT K . -19.70 35.56 -20.99
O1 CIT K . -20.74 35.55 -21.71
O2 CIT K . -18.69 34.96 -21.39
C2 CIT K . -19.73 36.30 -19.67
C3 CIT K . -18.39 36.94 -19.25
O7 CIT K . -17.39 35.91 -19.08
C4 CIT K . -18.65 37.72 -17.97
C5 CIT K . -17.37 38.14 -17.24
O3 CIT K . -17.37 38.25 -16.00
O4 CIT K . -16.32 38.41 -17.86
C6 CIT K . -17.94 37.94 -20.30
O5 CIT K . -18.60 38.99 -20.51
O6 CIT K . -16.90 37.75 -20.97
C1 CIT L . -1.66 37.96 -22.74
O1 CIT L . -2.61 37.19 -22.82
O2 CIT L . -0.84 37.75 -21.84
C2 CIT L . -1.55 39.12 -23.70
C3 CIT L . -0.98 40.34 -22.92
O7 CIT L . -0.44 39.92 -21.64
C4 CIT L . 0.21 40.94 -23.72
C5 CIT L . 1.08 41.73 -22.67
O3 CIT L . 0.52 42.21 -21.66
O4 CIT L . 2.30 41.92 -22.68
C6 CIT L . -2.12 41.34 -22.72
O5 CIT L . -3.03 41.29 -23.58
O6 CIT L . -2.17 42.13 -21.75
#